data_3QJN
#
_entry.id   3QJN
#
_cell.length_a   89.373
_cell.length_b   95.155
_cell.length_c   108.904
_cell.angle_alpha   90.00
_cell.angle_beta   90.00
_cell.angle_gamma   90.00
#
_symmetry.space_group_name_H-M   'P 21 21 21'
#
loop_
_entity.id
_entity.type
_entity.pdbx_description
1 polymer 'SH3 and multiple ankyrin repeat domains protein 1'
2 polymer Beta-PIX
3 water water
#
loop_
_entity_poly.entity_id
_entity_poly.type
_entity_poly.pdbx_seq_one_letter_code
_entity_poly.pdbx_strand_id
1 'polypeptide(L)'
;GSDYIIKEKTVLLQKKDSEGFGFVLRGAKAQTPIEEFTPTPAFPALQYLESVDEGGVAWRAGLRMGDFLIEVNGQNVVKV
GHRQVVNMIRQGGNTLMVKVVMVTRHPDMDEAVHK
;
A,B,C,D,E,F,G,H
2 'polypeptide(L)' AWDETNL I,J,K,L,M,N,O,P
#
# COMPACT_ATOMS: atom_id res chain seq x y z
N ASP A 3 -12.67 21.13 34.27
CA ASP A 3 -12.54 19.81 33.59
C ASP A 3 -12.43 18.62 34.57
N TYR A 4 -12.46 17.38 34.05
CA TYR A 4 -12.39 16.13 34.81
C TYR A 4 -11.48 15.20 34.11
N ILE A 5 -10.64 14.56 34.87
CA ILE A 5 -9.78 13.51 34.34
C ILE A 5 -10.21 12.26 35.06
N ILE A 6 -10.72 11.28 34.30
CA ILE A 6 -11.20 10.01 34.86
C ILE A 6 -10.22 8.94 34.48
N LYS A 7 -9.52 8.37 35.49
CA LYS A 7 -8.57 7.30 35.25
C LYS A 7 -9.19 6.00 35.71
N GLU A 8 -9.49 5.08 34.78
CA GLU A 8 -10.04 3.77 35.11
C GLU A 8 -8.87 2.84 35.24
N LYS A 9 -8.82 2.03 36.28
CA LYS A 9 -7.79 1.01 36.44
C LYS A 9 -8.35 -0.26 36.99
N THR A 10 -8.01 -1.42 36.34
CA THR A 10 -8.51 -2.75 36.77
C THR A 10 -7.42 -3.59 37.38
N VAL A 11 -7.59 -3.94 38.67
CA VAL A 11 -6.52 -4.66 39.31
C VAL A 11 -6.98 -5.93 39.98
N LEU A 12 -6.05 -6.88 40.06
CA LEU A 12 -6.27 -8.16 40.72
C LEU A 12 -5.50 -8.12 42.05
N LEU A 13 -6.24 -8.29 43.15
CA LEU A 13 -5.68 -8.30 44.50
C LEU A 13 -5.60 -9.73 44.94
N GLN A 14 -4.37 -10.19 45.26
CA GLN A 14 -4.08 -11.53 45.79
C GLN A 14 -3.47 -11.44 47.21
N LYS A 15 -4.23 -11.81 48.28
CA LYS A 15 -3.71 -11.78 49.65
C LYS A 15 -3.51 -13.17 50.26
N LYS A 16 -2.82 -13.25 51.44
CA LYS A 16 -2.61 -14.44 52.27
C LYS A 16 -3.77 -14.52 53.29
N ASP A 17 -4.03 -15.72 53.85
CA ASP A 17 -5.09 -15.98 54.83
C ASP A 17 -4.99 -15.03 56.02
N SER A 18 -3.77 -14.90 56.56
CA SER A 18 -3.37 -14.13 57.74
C SER A 18 -3.24 -12.61 57.49
N GLU A 19 -4.08 -12.03 56.58
CA GLU A 19 -4.07 -10.58 56.23
C GLU A 19 -5.35 -10.11 55.51
N GLY A 20 -5.42 -8.82 55.25
CA GLY A 20 -6.51 -8.14 54.57
C GLY A 20 -6.03 -7.54 53.26
N PHE A 21 -6.96 -6.97 52.49
CA PHE A 21 -6.63 -6.35 51.21
C PHE A 21 -5.93 -5.01 51.43
N GLY A 22 -6.11 -4.44 52.61
CA GLY A 22 -5.45 -3.20 53.01
C GLY A 22 -6.15 -1.93 52.60
N PHE A 23 -7.49 -1.91 52.70
CA PHE A 23 -8.27 -0.71 52.39
C PHE A 23 -9.52 -0.60 53.23
N VAL A 24 -10.04 0.62 53.37
CA VAL A 24 -11.28 0.88 54.12
C VAL A 24 -12.29 1.36 53.10
N LEU A 25 -13.36 0.60 52.90
CA LEU A 25 -14.41 0.98 51.95
C LEU A 25 -15.47 1.85 52.67
N ARG A 26 -15.83 3.00 52.09
CA ARG A 26 -16.84 3.91 52.61
C ARG A 26 -17.88 4.19 51.52
N GLY A 27 -19.13 4.47 51.88
CA GLY A 27 -20.10 4.79 50.85
C GLY A 27 -21.48 5.14 51.34
N ALA A 28 -22.50 4.36 50.87
CA ALA A 28 -23.93 4.47 51.16
C ALA A 28 -24.66 3.20 50.68
N ILE A 34 -32.58 5.81 51.31
CA ILE A 34 -31.86 6.38 50.17
C ILE A 34 -31.86 5.46 48.92
N GLU A 35 -30.72 5.42 48.15
CA GLU A 35 -30.47 4.65 46.92
C GLU A 35 -31.49 4.95 45.79
N GLU A 36 -31.04 5.81 44.85
CA GLU A 36 -31.79 6.38 43.71
C GLU A 36 -30.76 6.99 42.75
N PHE A 37 -29.49 6.76 43.10
CA PHE A 37 -28.21 7.17 42.54
C PHE A 37 -28.06 7.48 41.04
N THR A 38 -27.61 8.72 40.77
CA THR A 38 -27.33 9.28 39.45
C THR A 38 -25.81 9.51 39.37
N PRO A 39 -25.04 8.64 38.67
CA PRO A 39 -23.58 8.86 38.59
C PRO A 39 -23.23 10.13 37.83
N THR A 40 -22.48 11.02 38.50
CA THR A 40 -22.00 12.30 37.98
C THR A 40 -20.47 12.17 37.75
N PRO A 41 -19.78 13.04 36.97
CA PRO A 41 -18.33 12.83 36.79
C PRO A 41 -17.54 12.95 38.09
N ALA A 42 -18.01 13.77 39.03
CA ALA A 42 -17.36 13.96 40.33
C ALA A 42 -17.60 12.76 41.24
N PHE A 43 -18.81 12.17 41.21
CA PHE A 43 -19.17 11.03 42.04
C PHE A 43 -19.67 9.91 41.12
N PRO A 44 -18.73 9.15 40.53
CA PRO A 44 -19.11 8.17 39.51
C PRO A 44 -19.64 6.85 40.03
N ALA A 45 -19.73 6.73 41.36
CA ALA A 45 -20.09 5.53 42.09
C ALA A 45 -20.36 5.95 43.53
N LEU A 46 -20.93 5.05 44.32
CA LEU A 46 -21.34 5.28 45.72
C LEU A 46 -20.23 4.90 46.70
N GLN A 47 -19.67 3.69 46.50
CA GLN A 47 -18.64 3.15 47.35
C GLN A 47 -17.31 3.64 46.85
N TYR A 48 -16.40 4.03 47.79
CA TYR A 48 -15.06 4.51 47.48
C TYR A 48 -14.03 4.10 48.53
N LEU A 49 -12.74 4.20 48.20
CA LEU A 49 -11.69 3.86 49.18
C LEU A 49 -11.42 5.10 49.99
N GLU A 50 -11.71 5.02 51.31
CA GLU A 50 -11.52 6.13 52.24
C GLU A 50 -10.07 6.24 52.68
N SER A 51 -9.37 5.12 52.71
CA SER A 51 -7.96 4.99 53.08
C SER A 51 -7.43 3.69 52.55
N VAL A 52 -6.13 3.66 52.27
CA VAL A 52 -5.45 2.43 51.82
C VAL A 52 -4.08 2.32 52.55
N ASP A 53 -3.82 1.17 53.19
CA ASP A 53 -2.61 0.95 53.99
C ASP A 53 -1.37 0.94 53.11
N GLU A 54 -0.40 1.90 53.30
CA GLU A 54 0.84 1.95 52.51
C GLU A 54 1.53 0.59 52.61
N GLY A 55 2.07 0.13 51.48
CA GLY A 55 2.71 -1.18 51.34
C GLY A 55 1.76 -2.34 51.52
N GLY A 56 0.45 -2.08 51.43
CA GLY A 56 -0.60 -3.09 51.52
C GLY A 56 -0.77 -3.81 50.19
N VAL A 57 -1.62 -4.85 50.19
CA VAL A 57 -1.88 -5.62 48.99
C VAL A 57 -2.46 -4.67 47.96
N ALA A 58 -3.57 -3.99 48.31
CA ALA A 58 -4.27 -2.99 47.48
C ALA A 58 -3.37 -1.91 46.99
N TRP A 59 -2.51 -1.38 47.90
CA TRP A 59 -1.57 -0.31 47.65
C TRP A 59 -0.57 -0.73 46.59
N ARG A 60 0.04 -1.93 46.72
CA ARG A 60 1.01 -2.48 45.77
C ARG A 60 0.36 -2.68 44.41
N ALA A 61 -0.95 -2.99 44.42
CA ALA A 61 -1.77 -3.20 43.21
C ALA A 61 -2.02 -1.89 42.44
N GLY A 62 -1.73 -0.74 43.07
CA GLY A 62 -1.89 0.56 42.44
C GLY A 62 -2.97 1.48 43.00
N LEU A 63 -3.97 0.91 43.70
CA LEU A 63 -5.14 1.53 44.36
C LEU A 63 -4.80 2.61 45.39
N ARG A 64 -5.62 3.68 45.46
CA ARG A 64 -5.36 4.81 46.36
C ARG A 64 -6.56 5.38 47.05
N MET A 65 -6.32 6.19 48.04
CA MET A 65 -7.36 6.91 48.74
C MET A 65 -8.15 7.79 47.72
N GLY A 66 -9.46 7.67 47.74
CA GLY A 66 -10.32 8.44 46.83
C GLY A 66 -10.87 7.73 45.61
N ASP A 67 -10.31 6.57 45.30
CA ASP A 67 -10.75 5.77 44.18
C ASP A 67 -12.21 5.31 44.44
N PHE A 68 -13.03 5.27 43.40
CA PHE A 68 -14.43 4.84 43.50
C PHE A 68 -14.56 3.41 42.97
N LEU A 69 -15.33 2.55 43.66
CA LEU A 69 -15.52 1.16 43.24
C LEU A 69 -16.59 1.03 42.17
N ILE A 70 -16.20 0.61 40.97
CA ILE A 70 -17.13 0.46 39.87
C ILE A 70 -17.58 -1.00 39.73
N GLU A 71 -16.62 -1.95 39.84
CA GLU A 71 -16.88 -3.37 39.68
C GLU A 71 -16.19 -4.23 40.74
N VAL A 72 -16.89 -5.28 41.20
CA VAL A 72 -16.35 -6.27 42.13
C VAL A 72 -16.47 -7.59 41.42
N ASN A 73 -15.31 -8.21 41.13
CA ASN A 73 -15.23 -9.51 40.43
C ASN A 73 -16.10 -9.61 39.15
N GLY A 74 -16.00 -8.61 38.30
CA GLY A 74 -16.72 -8.55 37.03
C GLY A 74 -18.13 -8.00 37.10
N GLN A 75 -18.72 -7.98 38.31
CA GLN A 75 -20.08 -7.50 38.55
C GLN A 75 -20.13 -6.02 39.03
N ASN A 76 -20.93 -5.21 38.33
CA ASN A 76 -21.11 -3.78 38.60
C ASN A 76 -21.69 -3.53 39.99
N VAL A 77 -21.06 -2.63 40.71
CA VAL A 77 -21.49 -2.27 42.07
C VAL A 77 -21.76 -0.78 42.13
N VAL A 78 -21.92 -0.10 40.94
CA VAL A 78 -22.13 1.35 40.84
C VAL A 78 -23.29 1.85 41.71
N LYS A 79 -24.45 1.12 41.71
CA LYS A 79 -25.64 1.52 42.51
C LYS A 79 -25.87 0.62 43.74
N VAL A 80 -25.08 -0.48 43.87
CA VAL A 80 -25.19 -1.48 44.94
C VAL A 80 -24.79 -0.91 46.31
N GLY A 81 -25.56 -1.24 47.35
CA GLY A 81 -25.39 -0.74 48.71
C GLY A 81 -24.06 -1.07 49.34
N HIS A 82 -23.73 -0.43 50.48
CA HIS A 82 -22.48 -0.73 51.16
C HIS A 82 -22.41 -2.17 51.61
N ARG A 83 -23.44 -2.65 52.36
CA ARG A 83 -23.54 -4.01 52.89
C ARG A 83 -23.29 -5.04 51.83
N GLN A 84 -24.05 -4.99 50.72
CA GLN A 84 -23.92 -5.94 49.61
C GLN A 84 -22.56 -5.90 48.92
N VAL A 85 -21.89 -4.73 48.91
CA VAL A 85 -20.54 -4.61 48.34
C VAL A 85 -19.47 -5.30 49.24
N VAL A 86 -19.42 -4.95 50.52
CA VAL A 86 -18.50 -5.59 51.46
C VAL A 86 -18.74 -7.13 51.34
N ASN A 87 -20.02 -7.52 51.35
CA ASN A 87 -20.51 -8.89 51.21
C ASN A 87 -19.97 -9.60 49.98
N MET A 88 -19.97 -8.89 48.80
CA MET A 88 -19.48 -9.34 47.49
C MET A 88 -17.96 -9.46 47.47
N ILE A 89 -17.28 -8.66 48.31
CA ILE A 89 -15.80 -8.65 48.40
C ILE A 89 -15.37 -9.90 49.15
N ARG A 90 -16.06 -10.23 50.25
CA ARG A 90 -15.78 -11.40 51.08
C ARG A 90 -15.96 -12.71 50.34
N GLN A 91 -16.93 -12.73 49.41
CA GLN A 91 -17.31 -13.84 48.53
C GLN A 91 -16.14 -14.50 47.79
N GLY A 92 -15.16 -13.69 47.43
CA GLY A 92 -13.98 -14.10 46.67
C GLY A 92 -12.83 -14.63 47.50
N GLY A 93 -12.86 -14.38 48.81
CA GLY A 93 -11.85 -14.83 49.75
C GLY A 93 -10.57 -14.03 49.65
N ASN A 94 -9.46 -14.70 49.31
CA ASN A 94 -8.14 -14.09 49.18
C ASN A 94 -7.87 -13.40 47.82
N THR A 95 -8.76 -13.59 46.82
CA THR A 95 -8.61 -12.98 45.51
C THR A 95 -9.74 -11.98 45.26
N LEU A 96 -9.39 -10.79 44.81
CA LEU A 96 -10.35 -9.76 44.48
C LEU A 96 -9.91 -9.03 43.22
N MET A 97 -10.74 -9.08 42.19
CA MET A 97 -10.53 -8.31 40.99
C MET A 97 -11.47 -7.10 41.13
N VAL A 98 -10.89 -5.91 41.11
CA VAL A 98 -11.64 -4.68 41.32
C VAL A 98 -11.39 -3.68 40.20
N LYS A 99 -12.42 -2.92 39.86
CA LYS A 99 -12.39 -1.91 38.80
C LYS A 99 -12.82 -0.59 39.42
N VAL A 100 -11.91 0.36 39.44
CA VAL A 100 -12.07 1.66 40.10
C VAL A 100 -11.86 2.80 39.13
N VAL A 101 -12.19 4.03 39.60
CA VAL A 101 -11.97 5.29 38.87
C VAL A 101 -11.35 6.31 39.81
N MET A 102 -10.32 7.00 39.33
CA MET A 102 -9.65 8.09 40.03
C MET A 102 -10.08 9.36 39.32
N VAL A 103 -10.87 10.19 40.00
CA VAL A 103 -11.35 11.45 39.43
C VAL A 103 -10.40 12.57 39.85
N THR A 104 -9.97 13.36 38.86
CA THR A 104 -9.04 14.48 39.09
C THR A 104 -9.55 15.77 38.44
N ARG A 105 -9.45 16.90 39.15
CA ARG A 105 -9.80 18.26 38.73
C ARG A 105 -11.22 18.42 38.20
N ASP B 3 -8.00 6.65 29.68
CA ASP B 3 -8.30 7.90 30.37
C ASP B 3 -9.31 8.68 29.60
N TYR B 4 -10.25 9.32 30.31
CA TYR B 4 -11.32 10.13 29.72
C TYR B 4 -11.26 11.54 30.24
N ILE B 5 -11.30 12.52 29.33
CA ILE B 5 -11.37 13.93 29.67
C ILE B 5 -12.83 14.33 29.49
N ILE B 6 -13.49 14.77 30.57
CA ILE B 6 -14.87 15.22 30.55
C ILE B 6 -14.91 16.74 30.63
N LYS B 7 -15.43 17.39 29.60
CA LYS B 7 -15.56 18.85 29.60
C LYS B 7 -17.02 19.19 29.75
N GLU B 8 -17.38 19.81 30.87
CA GLU B 8 -18.76 20.24 31.13
C GLU B 8 -18.97 21.66 30.58
N LYS B 9 -20.14 21.91 30.01
CA LYS B 9 -20.50 23.24 29.49
C LYS B 9 -22.00 23.49 29.68
N THR B 10 -22.33 24.63 30.29
CA THR B 10 -23.71 25.08 30.47
C THR B 10 -23.84 26.31 29.62
N VAL B 11 -24.68 26.24 28.58
CA VAL B 11 -24.82 27.34 27.64
C VAL B 11 -26.25 27.78 27.47
N LEU B 12 -26.43 29.04 27.11
CA LEU B 12 -27.75 29.60 26.85
C LEU B 12 -27.86 29.81 25.36
N LEU B 13 -28.85 29.13 24.73
CA LEU B 13 -29.14 29.25 23.31
C LEU B 13 -30.29 30.22 23.14
N GLN B 14 -30.04 31.32 22.42
CA GLN B 14 -31.03 32.37 22.14
C GLN B 14 -31.18 32.48 20.63
N LYS B 15 -32.36 32.05 20.13
CA LYS B 15 -32.68 32.08 18.70
C LYS B 15 -33.84 33.02 18.41
N LYS B 16 -34.07 33.30 17.14
CA LYS B 16 -35.15 34.12 16.65
C LYS B 16 -36.30 33.19 16.22
N ASP B 17 -37.52 33.74 16.09
CA ASP B 17 -38.73 33.00 15.68
C ASP B 17 -38.49 32.26 14.35
N SER B 18 -37.89 32.96 13.39
CA SER B 18 -37.61 32.55 12.01
C SER B 18 -36.50 31.51 11.84
N GLU B 19 -35.99 30.95 12.94
CA GLU B 19 -34.92 29.95 12.90
C GLU B 19 -35.06 28.83 13.96
N GLY B 20 -34.13 27.88 13.90
CA GLY B 20 -33.99 26.76 14.82
C GLY B 20 -32.70 26.88 15.63
N PHE B 21 -32.57 26.04 16.68
CA PHE B 21 -31.38 26.04 17.52
C PHE B 21 -30.13 25.59 16.77
N GLY B 22 -30.30 24.81 15.71
CA GLY B 22 -29.19 24.39 14.86
C GLY B 22 -28.50 23.11 15.26
N PHE B 23 -29.29 22.12 15.75
CA PHE B 23 -28.73 20.82 16.14
C PHE B 23 -29.70 19.67 15.91
N VAL B 24 -29.15 18.46 15.82
CA VAL B 24 -29.93 17.24 15.67
C VAL B 24 -29.70 16.42 16.93
N LEU B 25 -30.75 16.22 17.71
CA LEU B 25 -30.68 15.44 18.94
C LEU B 25 -30.96 13.98 18.62
N ARG B 26 -30.07 13.08 19.06
CA ARG B 26 -30.21 11.64 18.85
C ARG B 26 -30.20 10.90 20.18
N GLY B 27 -30.99 9.83 20.28
CA GLY B 27 -31.06 9.01 21.47
C GLY B 27 -32.23 8.05 21.54
N ALA B 28 -32.67 7.71 22.77
CA ALA B 28 -33.77 6.77 23.06
C ALA B 28 -34.90 7.40 23.90
N ILE B 34 -37.86 2.35 30.18
CA ILE B 34 -36.48 2.12 30.62
C ILE B 34 -35.99 2.97 31.83
N GLU B 35 -35.33 2.27 32.76
CA GLU B 35 -34.69 2.73 34.00
C GLU B 35 -33.56 1.70 34.24
N GLU B 36 -33.25 0.93 33.17
CA GLU B 36 -32.21 -0.10 33.07
C GLU B 36 -30.77 0.51 32.92
N PHE B 37 -30.59 1.52 32.00
CA PHE B 37 -29.32 2.21 31.67
C PHE B 37 -28.60 2.91 32.83
N THR B 38 -27.30 2.65 32.93
CA THR B 38 -26.51 3.31 33.93
C THR B 38 -25.49 4.23 33.23
N PRO B 39 -25.40 5.51 33.67
CA PRO B 39 -24.43 6.45 33.07
C PRO B 39 -22.97 6.04 33.34
N THR B 40 -22.16 6.14 32.29
CA THR B 40 -20.77 5.74 32.25
C THR B 40 -19.88 6.84 31.69
N PRO B 41 -18.58 6.96 32.07
CA PRO B 41 -17.76 8.02 31.44
C PRO B 41 -17.87 8.07 29.92
N ALA B 42 -17.99 6.89 29.27
CA ALA B 42 -18.16 6.76 27.83
C ALA B 42 -19.58 7.17 27.43
N PHE B 43 -20.64 6.58 28.02
CA PHE B 43 -22.03 6.99 27.73
C PHE B 43 -22.58 7.74 28.92
N PRO B 44 -22.33 9.05 29.13
CA PRO B 44 -22.85 9.70 30.33
C PRO B 44 -24.35 10.01 30.30
N ALA B 45 -25.01 9.95 29.11
CA ALA B 45 -26.47 10.21 28.97
C ALA B 45 -26.99 9.61 27.67
N LEU B 46 -28.31 9.30 27.61
CA LEU B 46 -28.89 8.77 26.38
C LEU B 46 -28.85 9.79 25.24
N GLN B 47 -29.34 11.05 25.51
CA GLN B 47 -29.44 12.05 24.43
C GLN B 47 -28.14 12.76 24.13
N TYR B 48 -27.79 12.88 22.84
CA TYR B 48 -26.58 13.57 22.43
C TYR B 48 -26.77 14.50 21.18
N LEU B 49 -25.66 15.07 20.68
CA LEU B 49 -25.73 15.97 19.55
C LEU B 49 -25.10 15.25 18.39
N GLU B 50 -25.98 14.70 17.52
CA GLU B 50 -25.50 13.93 16.38
C GLU B 50 -24.82 14.80 15.33
N SER B 51 -25.25 16.06 15.23
CA SER B 51 -24.73 17.08 14.32
C SER B 51 -25.15 18.46 14.80
N VAL B 52 -24.33 19.47 14.49
CA VAL B 52 -24.59 20.89 14.79
C VAL B 52 -24.29 21.71 13.54
N ASP B 53 -25.25 22.55 13.10
CA ASP B 53 -25.10 23.39 11.90
C ASP B 53 -24.00 24.40 12.16
N GLU B 54 -22.92 24.35 11.35
CA GLU B 54 -21.72 25.20 11.47
C GLU B 54 -21.86 26.72 11.69
N GLY B 55 -23.05 27.28 11.55
CA GLY B 55 -23.25 28.71 11.76
C GLY B 55 -24.40 29.09 12.69
N GLY B 56 -25.24 28.11 13.03
CA GLY B 56 -26.41 28.29 13.87
C GLY B 56 -26.12 28.64 15.32
N VAL B 57 -27.19 29.00 16.04
CA VAL B 57 -27.28 29.37 17.46
C VAL B 57 -26.48 28.42 18.38
N ALA B 58 -26.66 27.08 18.19
CA ALA B 58 -25.96 26.05 18.96
C ALA B 58 -24.45 26.05 18.73
N TRP B 59 -24.00 26.23 17.49
CA TRP B 59 -22.57 26.26 17.14
C TRP B 59 -21.87 27.43 17.82
N ARG B 60 -22.46 28.63 17.67
CA ARG B 60 -21.99 29.89 18.25
C ARG B 60 -21.88 29.79 19.76
N ALA B 61 -22.82 29.05 20.39
CA ALA B 61 -22.86 28.82 21.84
C ALA B 61 -21.78 27.83 22.33
N GLY B 62 -21.06 27.19 21.40
CA GLY B 62 -19.97 26.25 21.73
C GLY B 62 -20.33 24.78 21.65
N LEU B 63 -21.60 24.48 21.32
CA LEU B 63 -22.09 23.12 21.17
C LEU B 63 -21.51 22.45 19.92
N ARG B 64 -21.01 21.23 20.07
CA ARG B 64 -20.42 20.50 18.98
C ARG B 64 -21.00 19.10 18.92
N MET B 65 -20.82 18.46 17.77
CA MET B 65 -21.18 17.09 17.46
C MET B 65 -20.51 16.16 18.51
N GLY B 66 -21.32 15.31 19.15
CA GLY B 66 -20.80 14.41 20.18
C GLY B 66 -21.14 14.77 21.61
N ASP B 67 -21.55 16.04 21.88
CA ASP B 67 -21.93 16.54 23.20
C ASP B 67 -23.17 15.82 23.72
N PHE B 68 -23.08 15.25 24.95
CA PHE B 68 -24.18 14.53 25.59
C PHE B 68 -25.05 15.50 26.40
N LEU B 69 -26.37 15.36 26.33
CA LEU B 69 -27.27 16.22 27.07
C LEU B 69 -27.40 15.79 28.51
N ILE B 70 -27.07 16.67 29.45
CA ILE B 70 -27.17 16.41 30.89
C ILE B 70 -28.38 17.12 31.49
N GLU B 71 -28.64 18.38 31.11
CA GLU B 71 -29.77 19.17 31.64
C GLU B 71 -30.45 20.01 30.58
N VAL B 72 -31.77 20.13 30.68
CA VAL B 72 -32.59 20.97 29.79
C VAL B 72 -33.35 21.91 30.71
N ASN B 73 -33.05 23.21 30.58
CA ASN B 73 -33.64 24.29 31.39
C ASN B 73 -33.65 24.02 32.91
N GLY B 74 -32.49 23.61 33.43
CA GLY B 74 -32.30 23.33 34.85
C GLY B 74 -32.67 21.93 35.31
N GLN B 75 -33.53 21.22 34.53
CA GLN B 75 -34.00 19.88 34.81
C GLN B 75 -33.15 18.77 34.18
N ASN B 76 -32.68 17.82 35.02
CA ASN B 76 -31.80 16.70 34.60
C ASN B 76 -32.49 15.77 33.59
N VAL B 77 -31.79 15.44 32.51
CA VAL B 77 -32.30 14.62 31.41
C VAL B 77 -31.46 13.38 31.07
N VAL B 78 -30.49 13.06 31.96
CA VAL B 78 -29.57 11.91 31.79
C VAL B 78 -30.29 10.60 31.44
N LYS B 79 -31.32 10.25 32.22
CA LYS B 79 -32.10 9.02 32.05
C LYS B 79 -33.47 9.23 31.31
N VAL B 80 -33.80 10.50 30.97
CA VAL B 80 -35.04 10.90 30.32
C VAL B 80 -35.01 10.54 28.83
N GLY B 81 -36.13 9.95 28.36
CA GLY B 81 -36.29 9.49 26.98
C GLY B 81 -36.40 10.61 25.96
N HIS B 82 -36.05 10.30 24.69
CA HIS B 82 -36.04 11.21 23.55
C HIS B 82 -37.26 12.11 23.42
N ARG B 83 -38.44 11.51 23.41
CA ARG B 83 -39.72 12.21 23.30
C ARG B 83 -39.84 13.34 24.35
N GLN B 84 -39.64 13.00 25.64
CA GLN B 84 -39.74 13.95 26.75
C GLN B 84 -38.69 15.06 26.70
N VAL B 85 -37.44 14.72 26.30
CA VAL B 85 -36.37 15.71 26.20
C VAL B 85 -36.72 16.75 25.11
N VAL B 86 -37.24 16.27 23.96
CA VAL B 86 -37.67 17.13 22.86
C VAL B 86 -38.80 18.08 23.32
N ASN B 87 -39.77 17.55 24.08
CA ASN B 87 -40.92 18.28 24.63
C ASN B 87 -40.52 19.37 25.62
N MET B 88 -39.42 19.13 26.35
CA MET B 88 -38.82 20.04 27.33
C MET B 88 -38.04 21.16 26.63
N ILE B 89 -37.34 20.83 25.51
CA ILE B 89 -36.60 21.80 24.69
C ILE B 89 -37.61 22.78 24.09
N ARG B 90 -38.73 22.24 23.54
CA ARG B 90 -39.81 23.00 22.90
C ARG B 90 -40.52 23.95 23.86
N GLN B 91 -40.73 23.48 25.11
CA GLN B 91 -41.38 24.18 26.23
C GLN B 91 -40.80 25.60 26.48
N GLY B 92 -39.52 25.80 26.23
CA GLY B 92 -38.81 27.05 26.43
C GLY B 92 -38.90 28.05 25.31
N GLY B 93 -39.36 27.60 24.14
CA GLY B 93 -39.52 28.44 22.96
C GLY B 93 -38.22 28.81 22.28
N ASN B 94 -37.91 30.13 22.28
CA ASN B 94 -36.70 30.67 21.63
C ASN B 94 -35.44 30.65 22.50
N THR B 95 -35.61 30.37 23.79
CA THR B 95 -34.49 30.30 24.72
C THR B 95 -34.31 28.86 25.23
N LEU B 96 -33.09 28.36 25.15
CA LEU B 96 -32.77 27.03 25.66
C LEU B 96 -31.46 27.05 26.42
N MET B 97 -31.53 26.75 27.73
CA MET B 97 -30.34 26.62 28.55
C MET B 97 -30.14 25.12 28.63
N VAL B 98 -28.93 24.69 28.25
CA VAL B 98 -28.56 23.27 28.22
C VAL B 98 -27.21 23.04 28.90
N LYS B 99 -27.09 21.93 29.62
CA LYS B 99 -25.83 21.49 30.21
C LYS B 99 -25.41 20.22 29.44
N VAL B 100 -24.22 20.24 28.86
CA VAL B 100 -23.69 19.14 28.08
C VAL B 100 -22.32 18.70 28.59
N VAL B 101 -21.84 17.53 28.14
CA VAL B 101 -20.50 17.02 28.41
C VAL B 101 -19.86 16.54 27.11
N MET B 102 -18.60 16.91 26.92
CA MET B 102 -17.79 16.53 25.78
C MET B 102 -16.79 15.53 26.37
N VAL B 103 -16.90 14.27 25.97
CA VAL B 103 -16.01 13.20 26.41
C VAL B 103 -14.91 13.09 25.38
N THR B 104 -13.64 13.07 25.84
CA THR B 104 -12.49 13.00 24.96
C THR B 104 -11.52 11.90 25.41
N ARG B 105 -11.06 11.03 24.46
CA ARG B 105 -10.07 9.96 24.70
C ARG B 105 -10.50 8.94 25.79
N ASP C 3 -16.67 -1.14 8.50
CA ASP C 3 -17.51 -1.00 9.70
C ASP C 3 -17.39 -2.23 10.65
N TYR C 4 -16.77 -2.05 11.87
CA TYR C 4 -16.49 -3.04 12.94
C TYR C 4 -17.21 -2.79 14.32
N ILE C 5 -17.13 -3.80 15.22
CA ILE C 5 -17.59 -3.72 16.61
C ILE C 5 -16.51 -4.37 17.46
N ILE C 6 -15.85 -3.56 18.33
CA ILE C 6 -14.78 -4.02 19.24
C ILE C 6 -15.31 -4.07 20.63
N LYS C 7 -15.37 -5.27 21.19
CA LYS C 7 -15.88 -5.45 22.54
C LYS C 7 -14.73 -5.81 23.43
N GLU C 8 -14.38 -4.91 24.37
CA GLU C 8 -13.31 -5.18 25.33
C GLU C 8 -13.89 -5.87 26.54
N LYS C 9 -13.14 -6.86 27.08
CA LYS C 9 -13.53 -7.59 28.30
C LYS C 9 -12.36 -7.96 29.14
N THR C 10 -12.40 -7.60 30.42
CA THR C 10 -11.35 -7.89 31.39
C THR C 10 -12.00 -8.81 32.38
N VAL C 11 -11.56 -10.07 32.44
CA VAL C 11 -12.18 -11.06 33.31
C VAL C 11 -11.19 -11.74 34.22
N LEU C 12 -11.69 -12.25 35.34
CA LEU C 12 -10.92 -13.01 36.30
C LEU C 12 -11.32 -14.47 36.20
N LEU C 13 -10.36 -15.33 35.87
CA LEU C 13 -10.54 -16.77 35.75
C LEU C 13 -10.02 -17.43 37.01
N GLN C 14 -10.91 -18.14 37.73
CA GLN C 14 -10.60 -18.87 38.96
C GLN C 14 -10.92 -20.38 38.77
N LYS C 15 -9.89 -21.22 38.67
CA LYS C 15 -10.01 -22.68 38.47
C LYS C 15 -9.49 -23.49 39.67
N LYS C 16 -9.72 -24.81 39.63
CA LYS C 16 -9.26 -25.78 40.63
C LYS C 16 -7.97 -26.46 40.09
N ASP C 17 -7.15 -27.07 40.97
CA ASP C 17 -5.90 -27.76 40.59
C ASP C 17 -6.14 -28.81 39.50
N SER C 18 -7.20 -29.61 39.69
CA SER C 18 -7.64 -30.72 38.84
C SER C 18 -8.21 -30.34 37.46
N GLU C 19 -8.15 -29.05 37.09
CA GLU C 19 -8.69 -28.59 35.82
C GLU C 19 -7.81 -27.54 35.13
N GLY C 20 -8.23 -27.16 33.93
CA GLY C 20 -7.63 -26.11 33.13
C GLY C 20 -8.61 -24.93 33.00
N PHE C 21 -8.11 -23.82 32.46
CA PHE C 21 -8.91 -22.62 32.27
C PHE C 21 -10.02 -22.82 31.26
N GLY C 22 -9.86 -23.82 30.39
CA GLY C 22 -10.86 -24.17 29.42
C GLY C 22 -10.73 -23.49 28.09
N PHE C 23 -9.48 -23.26 27.62
CA PHE C 23 -9.26 -22.63 26.32
C PHE C 23 -7.99 -23.13 25.64
N VAL C 24 -7.93 -22.92 24.30
CA VAL C 24 -6.77 -23.24 23.49
C VAL C 24 -6.24 -21.93 22.95
N LEU C 25 -5.01 -21.55 23.34
CA LEU C 25 -4.37 -20.33 22.87
C LEU C 25 -3.58 -20.62 21.61
N ARG C 26 -3.81 -19.81 20.56
CA ARG C 26 -3.12 -19.92 19.27
C ARG C 26 -2.46 -18.60 18.90
N GLY C 27 -1.29 -18.68 18.26
CA GLY C 27 -0.55 -17.50 17.80
C GLY C 27 0.90 -17.75 17.45
N ALA C 28 1.74 -16.70 17.65
CA ALA C 28 3.18 -16.62 17.40
C ALA C 28 4.02 -17.62 18.22
N ILE C 34 10.02 -12.23 13.35
CA ILE C 34 8.63 -11.89 13.70
C ILE C 34 8.48 -10.57 14.51
N GLU C 35 9.29 -9.54 14.16
CA GLU C 35 9.28 -8.19 14.79
C GLU C 35 8.60 -7.16 13.84
N GLU C 36 7.59 -7.64 13.07
CA GLU C 36 6.82 -6.95 12.04
C GLU C 36 5.35 -6.67 12.45
N PHE C 37 5.03 -6.68 13.76
CA PHE C 37 3.64 -6.51 14.22
C PHE C 37 3.04 -5.11 14.33
N THR C 38 2.03 -4.89 13.48
CA THR C 38 1.22 -3.67 13.39
C THR C 38 -0.22 -4.03 13.86
N PRO C 39 -0.62 -3.71 15.11
CA PRO C 39 -1.99 -4.03 15.53
C PRO C 39 -3.02 -3.19 14.77
N THR C 40 -3.91 -3.87 14.05
CA THR C 40 -5.00 -3.28 13.27
C THR C 40 -6.34 -3.62 13.97
N PRO C 41 -7.48 -2.92 13.75
CA PRO C 41 -8.73 -3.32 14.42
C PRO C 41 -9.15 -4.76 14.04
N ALA C 42 -8.66 -5.20 12.87
CA ALA C 42 -8.84 -6.52 12.27
C ALA C 42 -8.10 -7.59 13.08
N PHE C 43 -6.82 -7.36 13.33
CA PHE C 43 -5.93 -8.25 14.09
C PHE C 43 -5.27 -7.40 15.17
N PRO C 44 -5.96 -7.21 16.30
CA PRO C 44 -5.41 -6.31 17.35
C PRO C 44 -4.30 -6.88 18.19
N ALA C 45 -4.09 -8.20 18.14
CA ALA C 45 -3.09 -8.91 18.94
C ALA C 45 -2.50 -10.09 18.22
N LEU C 46 -1.44 -10.66 18.82
CA LEU C 46 -0.72 -11.82 18.30
C LEU C 46 -1.36 -13.14 18.72
N GLN C 47 -1.75 -13.24 20.01
CA GLN C 47 -2.36 -14.43 20.60
C GLN C 47 -3.87 -14.29 20.65
N TYR C 48 -4.55 -15.38 20.35
CA TYR C 48 -6.00 -15.40 20.36
C TYR C 48 -6.52 -16.74 20.84
N LEU C 49 -7.80 -16.77 21.25
CA LEU C 49 -8.45 -17.99 21.69
C LEU C 49 -9.01 -18.71 20.46
N GLU C 50 -8.44 -19.88 20.14
CA GLU C 50 -8.84 -20.66 18.97
C GLU C 50 -10.13 -21.46 19.25
N SER C 51 -10.34 -21.84 20.52
CA SER C 51 -11.50 -22.57 21.03
C SER C 51 -11.61 -22.36 22.53
N VAL C 52 -12.85 -22.42 23.04
CA VAL C 52 -13.18 -22.35 24.47
C VAL C 52 -14.17 -23.49 24.80
N ASP C 53 -13.86 -24.32 25.82
CA ASP C 53 -14.73 -25.43 26.25
C ASP C 53 -16.05 -24.86 26.76
N GLU C 54 -17.20 -25.27 26.17
CA GLU C 54 -18.57 -24.78 26.44
C GLU C 54 -19.09 -24.68 27.87
N GLY C 55 -18.37 -25.23 28.80
CA GLY C 55 -18.62 -25.05 30.21
C GLY C 55 -17.24 -24.71 30.72
N GLY C 56 -17.03 -24.79 32.00
CA GLY C 56 -15.65 -24.53 32.41
C GLY C 56 -15.36 -23.06 32.58
N VAL C 57 -14.24 -22.81 33.21
CA VAL C 57 -13.83 -21.53 33.74
C VAL C 57 -13.86 -20.33 32.76
N ALA C 58 -13.20 -20.45 31.60
CA ALA C 58 -13.14 -19.39 30.59
C ALA C 58 -14.47 -19.06 29.96
N TRP C 59 -15.30 -20.07 29.65
CA TRP C 59 -16.62 -19.87 29.02
C TRP C 59 -17.54 -19.10 29.96
N ARG C 60 -17.62 -19.58 31.21
CA ARG C 60 -18.39 -18.98 32.30
C ARG C 60 -17.99 -17.52 32.51
N ALA C 61 -16.67 -17.23 32.38
CA ALA C 61 -16.13 -15.89 32.51
C ALA C 61 -16.51 -14.93 31.35
N GLY C 62 -17.07 -15.49 30.27
CA GLY C 62 -17.51 -14.73 29.11
C GLY C 62 -16.60 -14.80 27.91
N LEU C 63 -15.48 -15.53 28.05
CA LEU C 63 -14.49 -15.68 26.98
C LEU C 63 -15.02 -16.52 25.87
N ARG C 64 -14.81 -16.07 24.64
CA ARG C 64 -15.29 -16.81 23.48
C ARG C 64 -14.17 -17.04 22.45
N MET C 65 -14.40 -17.99 21.55
CA MET C 65 -13.56 -18.34 20.42
C MET C 65 -13.41 -17.08 19.54
N GLY C 66 -12.18 -16.76 19.16
CA GLY C 66 -11.88 -15.57 18.36
C GLY C 66 -11.56 -14.32 19.16
N ASP C 67 -11.45 -14.44 20.51
CA ASP C 67 -11.08 -13.35 21.41
C ASP C 67 -9.54 -13.19 21.33
N PHE C 68 -9.06 -11.96 21.12
CA PHE C 68 -7.62 -11.67 21.05
C PHE C 68 -7.09 -11.30 22.43
N LEU C 69 -5.95 -11.84 22.82
CA LEU C 69 -5.35 -11.56 24.12
C LEU C 69 -4.63 -10.22 24.10
N ILE C 70 -5.06 -9.30 24.97
CA ILE C 70 -4.46 -7.99 25.08
C ILE C 70 -3.57 -7.90 26.32
N GLU C 71 -4.02 -8.49 27.46
CA GLU C 71 -3.26 -8.44 28.72
C GLU C 71 -3.36 -9.74 29.50
N VAL C 72 -2.23 -10.14 30.12
CA VAL C 72 -2.16 -11.30 31.02
C VAL C 72 -1.68 -10.80 32.35
N ASN C 73 -2.51 -10.93 33.38
CA ASN C 73 -2.26 -10.46 34.75
C ASN C 73 -1.73 -9.00 34.85
N GLY C 74 -2.38 -8.10 34.12
CA GLY C 74 -2.04 -6.67 34.11
C GLY C 74 -0.96 -6.27 33.14
N GLN C 75 -0.15 -7.25 32.67
CA GLN C 75 0.96 -7.06 31.72
C GLN C 75 0.52 -7.24 30.26
N ASN C 76 0.79 -6.22 29.43
CA ASN C 76 0.43 -6.22 27.99
C ASN C 76 1.11 -7.33 27.20
N VAL C 77 0.35 -8.04 26.37
CA VAL C 77 0.87 -9.17 25.59
C VAL C 77 0.64 -9.06 24.08
N VAL C 78 0.18 -7.88 23.60
CA VAL C 78 -0.13 -7.60 22.19
C VAL C 78 0.99 -8.04 21.24
N LYS C 79 2.22 -7.58 21.55
CA LYS C 79 3.49 -7.84 20.87
C LYS C 79 4.42 -8.73 21.74
N VAL C 80 3.85 -9.83 22.28
CA VAL C 80 4.55 -10.85 23.07
C VAL C 80 4.28 -12.21 22.41
N GLY C 81 5.33 -13.01 22.24
CA GLY C 81 5.31 -14.31 21.58
C GLY C 81 4.62 -15.37 22.39
N HIS C 82 4.12 -16.41 21.67
CA HIS C 82 3.36 -17.52 22.22
C HIS C 82 3.95 -18.16 23.47
N ARG C 83 5.23 -18.56 23.43
CA ARG C 83 5.91 -19.20 24.55
C ARG C 83 5.81 -18.38 25.82
N GLN C 84 6.20 -17.08 25.74
CA GLN C 84 6.17 -16.13 26.86
C GLN C 84 4.77 -15.89 27.41
N VAL C 85 3.76 -15.77 26.53
CA VAL C 85 2.36 -15.57 26.95
C VAL C 85 1.86 -16.78 27.76
N VAL C 86 2.16 -18.00 27.26
CA VAL C 86 1.80 -19.26 27.93
C VAL C 86 2.44 -19.32 29.32
N ASN C 87 3.74 -19.02 29.43
CA ASN C 87 4.48 -19.01 30.69
C ASN C 87 3.90 -18.02 31.68
N MET C 88 3.44 -16.85 31.20
CA MET C 88 2.81 -15.79 32.00
C MET C 88 1.47 -16.23 32.54
N ILE C 89 0.68 -16.98 31.73
CA ILE C 89 -0.61 -17.54 32.12
C ILE C 89 -0.36 -18.59 33.23
N ARG C 90 0.63 -19.47 33.03
CA ARG C 90 1.00 -20.54 33.98
C ARG C 90 1.51 -19.99 35.30
N GLN C 91 2.29 -18.88 35.24
CA GLN C 91 2.86 -18.15 36.38
C GLN C 91 1.85 -17.84 37.50
N GLY C 92 0.59 -17.59 37.13
CA GLY C 92 -0.51 -17.25 38.05
C GLY C 92 -1.13 -18.43 38.76
N GLY C 93 -0.92 -19.62 38.22
CA GLY C 93 -1.45 -20.86 38.76
C GLY C 93 -2.92 -21.03 38.44
N ASN C 94 -3.76 -21.07 39.51
CA ASN C 94 -5.21 -21.24 39.42
C ASN C 94 -6.00 -19.98 39.14
N THR C 95 -5.35 -18.80 39.26
CA THR C 95 -6.00 -17.52 39.00
C THR C 95 -5.40 -16.83 37.78
N LEU C 96 -6.25 -16.34 36.88
CA LEU C 96 -5.81 -15.64 35.69
C LEU C 96 -6.74 -14.46 35.41
N MET C 97 -6.18 -13.26 35.44
CA MET C 97 -6.90 -12.07 35.04
C MET C 97 -6.42 -11.79 33.59
N VAL C 98 -7.36 -11.70 32.64
CA VAL C 98 -7.06 -11.50 31.22
C VAL C 98 -7.92 -10.41 30.62
N LYS C 99 -7.35 -9.61 29.72
CA LYS C 99 -8.08 -8.60 28.96
C LYS C 99 -8.08 -9.06 27.51
N VAL C 100 -9.25 -9.18 26.94
CA VAL C 100 -9.43 -9.63 25.55
C VAL C 100 -10.29 -8.63 24.76
N VAL C 101 -10.28 -8.79 23.41
CA VAL C 101 -11.14 -8.02 22.50
C VAL C 101 -11.82 -8.97 21.53
N MET C 102 -13.14 -8.76 21.36
CA MET C 102 -13.96 -9.55 20.45
C MET C 102 -14.28 -8.61 19.32
N VAL C 103 -13.74 -8.91 18.13
CA VAL C 103 -13.96 -8.12 16.91
C VAL C 103 -15.14 -8.74 16.16
N THR C 104 -16.15 -7.93 15.82
CA THR C 104 -17.36 -8.41 15.13
C THR C 104 -17.73 -7.55 13.95
N ARG C 105 -18.38 -8.14 12.91
CA ARG C 105 -18.86 -7.52 11.66
C ARG C 105 -17.71 -7.07 10.76
N ASP D 3 -18.65 0.40 25.00
CA ASP D 3 -18.36 -0.40 23.81
C ASP D 3 -17.93 0.42 22.59
N TYR D 4 -17.17 -0.23 21.67
CA TYR D 4 -16.57 0.43 20.49
C TYR D 4 -17.15 0.10 19.12
N ILE D 5 -17.58 1.14 18.37
CA ILE D 5 -18.03 1.00 16.97
C ILE D 5 -17.02 1.72 16.10
N ILE D 6 -16.33 0.95 15.25
CA ILE D 6 -15.27 1.43 14.38
C ILE D 6 -15.78 1.49 12.96
N LYS D 7 -15.81 2.68 12.37
CA LYS D 7 -16.22 2.84 10.99
C LYS D 7 -14.97 3.17 10.16
N GLU D 8 -14.55 2.24 9.29
CA GLU D 8 -13.39 2.44 8.43
C GLU D 8 -13.83 3.11 7.14
N LYS D 9 -12.99 4.02 6.63
CA LYS D 9 -13.21 4.68 5.36
C LYS D 9 -11.91 4.98 4.62
N THR D 10 -11.82 4.53 3.36
CA THR D 10 -10.66 4.77 2.51
C THR D 10 -11.15 5.66 1.39
N VAL D 11 -10.67 6.89 1.35
CA VAL D 11 -11.14 7.88 0.36
C VAL D 11 -10.00 8.51 -0.43
N LEU D 12 -10.32 9.02 -1.63
CA LEU D 12 -9.37 9.73 -2.47
C LEU D 12 -9.77 11.21 -2.51
N LEU D 13 -8.85 12.10 -2.11
CA LEU D 13 -9.11 13.54 -2.07
C LEU D 13 -8.52 14.26 -3.28
N GLN D 14 -9.36 14.99 -4.03
CA GLN D 14 -8.93 15.73 -5.21
C GLN D 14 -9.16 17.24 -5.07
N LYS D 15 -8.05 18.01 -5.03
CA LYS D 15 -8.08 19.46 -4.83
C LYS D 15 -7.52 20.32 -5.99
N LYS D 16 -7.65 21.67 -5.85
CA LYS D 16 -7.13 22.68 -6.79
C LYS D 16 -5.97 23.45 -6.13
N ASP D 17 -5.11 24.12 -6.93
CA ASP D 17 -3.97 24.91 -6.46
C ASP D 17 -4.39 25.96 -5.44
N SER D 18 -5.48 26.67 -5.74
CA SER D 18 -6.08 27.77 -4.97
C SER D 18 -6.76 27.37 -3.65
N GLU D 19 -6.65 26.09 -3.25
CA GLU D 19 -7.27 25.59 -2.02
C GLU D 19 -6.42 24.56 -1.28
N GLY D 20 -6.94 24.13 -0.14
CA GLY D 20 -6.35 23.08 0.69
C GLY D 20 -7.32 21.92 0.77
N PHE D 21 -6.90 20.77 1.31
CA PHE D 21 -7.79 19.61 1.46
C PHE D 21 -8.97 19.89 2.42
N GLY D 22 -8.89 20.96 3.21
CA GLY D 22 -9.96 21.41 4.10
C GLY D 22 -10.04 20.69 5.43
N PHE D 23 -8.88 20.41 6.03
CA PHE D 23 -8.83 19.77 7.34
C PHE D 23 -7.63 20.24 8.15
N VAL D 24 -7.73 20.09 9.47
CA VAL D 24 -6.66 20.44 10.40
C VAL D 24 -6.23 19.13 11.03
N LEU D 25 -4.98 18.72 10.78
CA LEU D 25 -4.44 17.49 11.33
C LEU D 25 -3.79 17.79 12.67
N ARG D 26 -4.15 17.04 13.70
CA ARG D 26 -3.61 17.21 15.06
C ARG D 26 -3.03 15.88 15.54
N GLY D 27 -1.95 15.96 16.31
CA GLY D 27 -1.28 14.79 16.86
C GLY D 27 0.00 15.08 17.60
N ALA D 28 0.47 14.08 18.35
CA ALA D 28 1.68 14.21 19.13
C ALA D 28 2.84 13.49 18.44
N ILE D 34 8.69 13.30 23.60
CA ILE D 34 8.35 12.07 24.33
C ILE D 34 8.36 10.80 23.44
N GLU D 35 8.37 9.62 24.09
CA GLU D 35 8.34 8.32 23.41
C GLU D 35 7.35 7.40 24.17
N GLU D 36 6.04 7.51 23.83
CA GLU D 36 4.93 6.74 24.44
C GLU D 36 3.61 6.60 23.60
N PHE D 37 3.44 5.44 22.90
CA PHE D 37 2.22 5.09 22.11
C PHE D 37 1.87 3.58 22.04
N THR D 38 0.57 3.27 22.25
CA THR D 38 -0.04 1.94 22.27
C THR D 38 -1.41 2.07 21.56
N PRO D 39 -1.60 1.57 20.29
CA PRO D 39 -2.93 1.72 19.66
C PRO D 39 -4.01 0.92 20.38
N THR D 40 -5.01 1.63 20.90
CA THR D 40 -6.15 1.11 21.64
C THR D 40 -7.41 1.38 20.79
N PRO D 41 -8.57 0.71 21.01
CA PRO D 41 -9.75 1.01 20.16
C PRO D 41 -10.22 2.46 20.26
N ALA D 42 -10.02 3.10 21.44
CA ALA D 42 -10.38 4.50 21.69
C ALA D 42 -9.42 5.45 20.95
N PHE D 43 -8.10 5.16 21.00
CA PHE D 43 -7.04 5.89 20.33
C PHE D 43 -6.28 4.95 19.38
N PRO D 44 -6.80 4.74 18.15
CA PRO D 44 -6.19 3.77 17.24
C PRO D 44 -4.98 4.24 16.48
N ALA D 45 -4.85 5.56 16.30
CA ALA D 45 -3.77 6.21 15.56
C ALA D 45 -3.36 7.46 16.30
N LEU D 46 -2.14 7.96 15.99
CA LEU D 46 -1.48 9.14 16.54
C LEU D 46 -2.06 10.46 16.00
N GLN D 47 -2.30 10.49 14.66
CA GLN D 47 -2.82 11.67 13.97
C GLN D 47 -4.31 11.56 13.74
N TYR D 48 -5.01 12.67 13.94
CA TYR D 48 -6.45 12.69 13.75
C TYR D 48 -6.91 14.03 13.19
N LEU D 49 -8.12 14.08 12.62
CA LEU D 49 -8.67 15.31 12.09
C LEU D 49 -9.34 16.06 13.24
N GLU D 50 -8.80 17.23 13.60
CA GLU D 50 -9.32 18.04 14.68
C GLU D 50 -10.52 18.85 14.23
N SER D 51 -10.58 19.15 12.94
CA SER D 51 -11.67 19.90 12.30
C SER D 51 -11.61 19.67 10.80
N VAL D 52 -12.77 19.73 10.15
CA VAL D 52 -12.95 19.62 8.69
C VAL D 52 -13.87 20.76 8.25
N ASP D 53 -13.43 21.56 7.25
CA ASP D 53 -14.21 22.68 6.71
C ASP D 53 -15.44 22.11 6.02
N GLU D 54 -16.65 22.52 6.48
CA GLU D 54 -17.95 22.03 6.04
C GLU D 54 -18.28 21.95 4.54
N GLY D 55 -17.46 22.58 3.69
CA GLY D 55 -17.67 22.55 2.25
C GLY D 55 -16.47 22.12 1.42
N GLY D 56 -15.31 21.97 2.07
CA GLY D 56 -14.04 21.61 1.44
C GLY D 56 -13.97 20.18 0.95
N VAL D 57 -12.89 19.91 0.19
CA VAL D 57 -12.48 18.64 -0.42
C VAL D 57 -12.62 17.43 0.53
N ALA D 58 -12.10 17.55 1.77
CA ALA D 58 -12.16 16.48 2.78
C ALA D 58 -13.57 16.18 3.24
N TRP D 59 -14.41 17.22 3.44
CA TRP D 59 -15.80 17.05 3.87
C TRP D 59 -16.59 16.27 2.84
N ARG D 60 -16.49 16.71 1.56
CA ARG D 60 -17.13 16.10 0.39
C ARG D 60 -16.74 14.64 0.26
N ALA D 61 -15.48 14.30 0.59
CA ALA D 61 -14.95 12.95 0.54
C ALA D 61 -15.49 12.04 1.68
N GLY D 62 -16.20 12.63 2.65
CA GLY D 62 -16.77 11.90 3.77
C GLY D 62 -16.01 12.00 5.08
N LEU D 63 -14.87 12.73 5.08
CA LEU D 63 -14.02 12.88 6.26
C LEU D 63 -14.68 13.79 7.27
N ARG D 64 -14.69 13.38 8.54
CA ARG D 64 -15.31 14.18 9.60
C ARG D 64 -14.35 14.42 10.76
N MET D 65 -14.67 15.43 11.59
CA MET D 65 -13.96 15.78 12.81
C MET D 65 -13.87 14.54 13.71
N GLY D 66 -12.67 14.22 14.17
CA GLY D 66 -12.46 13.07 15.06
C GLY D 66 -11.92 11.82 14.38
N ASP D 67 -11.93 11.79 13.03
CA ASP D 67 -11.42 10.68 12.23
C ASP D 67 -9.92 10.52 12.47
N PHE D 68 -9.45 9.29 12.75
CA PHE D 68 -8.03 8.99 12.99
C PHE D 68 -7.38 8.58 11.70
N LEU D 69 -6.16 9.09 11.41
CA LEU D 69 -5.42 8.72 10.21
C LEU D 69 -4.73 7.37 10.37
N ILE D 70 -5.09 6.41 9.51
CA ILE D 70 -4.52 5.06 9.54
C ILE D 70 -3.47 4.90 8.42
N GLU D 71 -3.79 5.43 7.21
CA GLU D 71 -2.91 5.38 6.05
C GLU D 71 -2.88 6.68 5.26
N VAL D 72 -1.77 6.92 4.53
CA VAL D 72 -1.57 8.08 3.65
C VAL D 72 -0.98 7.51 2.38
N ASN D 73 -1.73 7.61 1.25
CA ASN D 73 -1.41 7.04 -0.05
C ASN D 73 -0.92 5.60 0.15
N GLY D 74 -1.66 4.86 0.97
CA GLY D 74 -1.39 3.46 1.31
C GLY D 74 -0.37 3.11 2.38
N GLN D 75 0.63 3.99 2.62
CA GLN D 75 1.63 3.77 3.67
C GLN D 75 1.02 3.97 5.07
N ASN D 76 1.15 2.98 5.96
CA ASN D 76 0.60 3.06 7.33
C ASN D 76 1.26 4.18 8.16
N VAL D 77 0.43 5.00 8.83
CA VAL D 77 0.89 6.16 9.60
C VAL D 77 0.48 6.14 11.07
N VAL D 78 -0.01 4.98 11.56
CA VAL D 78 -0.50 4.78 12.93
C VAL D 78 0.51 5.26 13.98
N LYS D 79 1.78 4.84 13.84
CA LYS D 79 2.87 5.19 14.79
C LYS D 79 3.82 6.31 14.28
N VAL D 80 3.55 6.84 13.08
CA VAL D 80 4.33 7.90 12.44
C VAL D 80 3.97 9.29 13.05
N GLY D 81 5.01 10.07 13.36
CA GLY D 81 4.86 11.40 13.96
C GLY D 81 4.32 12.47 13.03
N HIS D 82 3.75 13.53 13.64
CA HIS D 82 3.09 14.65 12.98
C HIS D 82 3.83 15.23 11.78
N ARG D 83 5.10 15.62 11.98
CA ARG D 83 5.92 16.21 10.92
C ARG D 83 5.96 15.34 9.66
N GLN D 84 6.32 14.07 9.83
CA GLN D 84 6.44 13.08 8.75
C GLN D 84 5.10 12.81 8.03
N VAL D 85 3.99 12.74 8.79
CA VAL D 85 2.66 12.53 8.21
C VAL D 85 2.29 13.71 7.31
N VAL D 86 2.54 14.94 7.77
CA VAL D 86 2.29 16.19 7.03
C VAL D 86 3.09 16.20 5.73
N ASN D 87 4.39 15.84 5.81
CA ASN D 87 5.27 15.77 4.64
C ASN D 87 4.76 14.76 3.61
N MET D 88 4.24 13.62 4.08
CA MET D 88 3.68 12.54 3.26
C MET D 88 2.41 12.99 2.56
N ILE D 89 1.56 13.79 3.25
CA ILE D 89 0.31 14.34 2.69
C ILE D 89 0.68 15.32 1.55
N ARG D 90 1.68 16.20 1.81
CA ARG D 90 2.17 17.21 0.86
C ARG D 90 2.81 16.59 -0.37
N GLN D 91 3.52 15.46 -0.18
CA GLN D 91 4.22 14.66 -1.20
C GLN D 91 3.34 14.30 -2.41
N GLY D 92 2.04 14.09 -2.18
CA GLY D 92 1.04 13.74 -3.19
C GLY D 92 0.49 14.91 -4.01
N GLY D 93 0.69 16.12 -3.49
CA GLY D 93 0.24 17.35 -4.12
C GLY D 93 -1.25 17.59 -4.03
N ASN D 94 -1.90 17.61 -5.21
CA ASN D 94 -3.34 17.86 -5.46
C ASN D 94 -4.23 16.63 -5.25
N THR D 95 -3.64 15.45 -5.01
CA THR D 95 -4.37 14.18 -4.81
C THR D 95 -3.90 13.44 -3.56
N LEU D 96 -4.84 12.83 -2.83
CA LEU D 96 -4.49 12.07 -1.63
C LEU D 96 -5.44 10.91 -1.33
N MET D 97 -4.85 9.75 -1.05
CA MET D 97 -5.54 8.56 -0.62
C MET D 97 -5.31 8.55 0.87
N VAL D 98 -6.39 8.34 1.62
CA VAL D 98 -6.32 8.29 3.08
C VAL D 98 -7.29 7.24 3.61
N LYS D 99 -6.84 6.48 4.59
CA LYS D 99 -7.66 5.50 5.30
C LYS D 99 -7.80 6.04 6.71
N VAL D 100 -9.05 6.24 7.13
CA VAL D 100 -9.39 6.75 8.46
C VAL D 100 -10.34 5.81 9.20
N VAL D 101 -10.48 6.02 10.51
CA VAL D 101 -11.44 5.31 11.37
C VAL D 101 -12.21 6.32 12.22
N MET D 102 -13.53 6.14 12.31
CA MET D 102 -14.41 6.95 13.13
C MET D 102 -14.82 6.03 14.29
N VAL D 103 -14.36 6.34 15.50
CA VAL D 103 -14.65 5.55 16.70
C VAL D 103 -15.87 6.17 17.40
N THR D 104 -16.87 5.34 17.88
CA THR D 104 -18.08 5.84 18.59
C THR D 104 -18.79 4.90 19.60
N ARG D 105 -20.07 5.27 19.82
CA ARG D 105 -21.23 4.74 20.56
C ARG D 105 -20.98 3.41 21.22
N ASP E 3 15.88 1.12 -28.62
CA ASP E 3 15.39 2.41 -28.10
C ASP E 3 13.93 2.45 -27.69
N TYR E 4 13.63 2.99 -26.49
CA TYR E 4 12.28 3.04 -25.92
C TYR E 4 11.69 4.41 -25.68
N ILE E 5 10.41 4.58 -26.03
CA ILE E 5 9.64 5.80 -25.78
C ILE E 5 8.70 5.45 -24.64
N ILE E 6 8.89 6.13 -23.47
CA ILE E 6 8.12 5.91 -22.27
C ILE E 6 7.17 7.05 -22.06
N LYS E 7 5.86 6.77 -22.13
CA LYS E 7 4.89 7.81 -21.90
C LYS E 7 4.20 7.57 -20.58
N GLU E 8 4.43 8.44 -19.59
CA GLU E 8 3.79 8.32 -18.28
C GLU E 8 2.45 9.06 -18.30
N LYS E 9 1.43 8.47 -17.67
CA LYS E 9 0.13 9.12 -17.56
C LYS E 9 -0.55 8.81 -16.23
N THR E 10 -0.97 9.86 -15.52
CA THR E 10 -1.69 9.74 -14.26
C THR E 10 -3.04 10.29 -14.55
N VAL E 11 -4.07 9.40 -14.51
CA VAL E 11 -5.43 9.80 -14.84
C VAL E 11 -6.43 9.47 -13.76
N LEU E 12 -7.53 10.24 -13.72
CA LEU E 12 -8.61 10.01 -12.78
C LEU E 12 -9.80 9.47 -13.56
N LEU E 13 -10.22 8.23 -13.20
CA LEU E 13 -11.35 7.55 -13.82
C LEU E 13 -12.56 7.71 -12.92
N GLN E 14 -13.62 8.33 -13.48
CA GLN E 14 -14.90 8.56 -12.83
C GLN E 14 -15.98 7.90 -13.65
N LYS E 15 -16.56 6.81 -13.10
CA LYS E 15 -17.64 6.04 -13.75
C LYS E 15 -18.97 6.13 -13.00
N LYS E 16 -20.04 5.63 -13.62
CA LYS E 16 -21.38 5.53 -13.04
C LYS E 16 -21.56 4.08 -12.50
N ASP E 17 -22.55 3.83 -11.60
CA ASP E 17 -22.81 2.47 -11.05
C ASP E 17 -23.10 1.48 -12.15
N SER E 18 -23.91 1.89 -13.14
CA SER E 18 -24.36 1.13 -14.30
C SER E 18 -23.30 0.81 -15.35
N GLU E 19 -22.02 1.03 -15.04
CA GLU E 19 -20.93 0.74 -15.99
C GLU E 19 -19.65 0.30 -15.28
N GLY E 20 -18.65 -0.05 -16.07
CA GLY E 20 -17.33 -0.43 -15.59
C GLY E 20 -16.29 0.59 -16.01
N PHE E 21 -15.05 0.45 -15.50
CA PHE E 21 -13.96 1.35 -15.90
C PHE E 21 -13.60 1.20 -17.37
N GLY E 22 -13.92 0.03 -17.91
CA GLY E 22 -13.73 -0.26 -19.32
C GLY E 22 -12.38 -0.84 -19.67
N PHE E 23 -11.83 -1.70 -18.83
CA PHE E 23 -10.54 -2.32 -19.12
C PHE E 23 -10.44 -3.73 -18.54
N VAL E 24 -9.54 -4.54 -19.11
CA VAL E 24 -9.27 -5.89 -18.65
C VAL E 24 -7.84 -5.87 -18.15
N LEU E 25 -7.64 -6.14 -16.86
CA LEU E 25 -6.32 -6.14 -16.26
C LEU E 25 -5.75 -7.54 -16.34
N ARG E 26 -4.51 -7.66 -16.81
CA ARG E 26 -3.82 -8.95 -16.92
C ARG E 26 -2.47 -8.87 -16.22
N GLY E 27 -2.06 -9.99 -15.61
CA GLY E 27 -0.79 -10.11 -14.90
C GLY E 27 -0.74 -11.31 -13.98
N ALA E 28 0.37 -12.09 -14.02
CA ALA E 28 0.58 -13.26 -13.16
C ALA E 28 0.88 -12.88 -11.68
N ILE E 34 5.53 -14.89 -6.13
CA ILE E 34 6.96 -14.72 -6.41
C ILE E 34 7.39 -13.26 -6.24
N GLU E 35 8.67 -13.06 -5.87
CA GLU E 35 9.26 -11.72 -5.70
C GLU E 35 10.58 -11.60 -6.49
N GLU E 36 10.69 -12.41 -7.57
CA GLU E 36 11.83 -12.46 -8.50
C GLU E 36 11.71 -11.36 -9.60
N PHE E 37 10.99 -10.26 -9.30
CA PHE E 37 10.71 -9.17 -10.23
C PHE E 37 11.66 -7.98 -10.23
N THR E 38 12.30 -7.79 -11.39
CA THR E 38 13.22 -6.69 -11.69
C THR E 38 12.54 -5.79 -12.75
N PRO E 39 11.98 -4.62 -12.38
CA PRO E 39 11.34 -3.75 -13.39
C PRO E 39 12.36 -3.20 -14.39
N THR E 40 12.16 -3.53 -15.66
CA THR E 40 13.02 -3.13 -16.78
C THR E 40 12.23 -2.11 -17.64
N PRO E 41 12.87 -1.30 -18.53
CA PRO E 41 12.10 -0.37 -19.37
C PRO E 41 11.06 -1.04 -20.27
N ALA E 42 11.34 -2.27 -20.75
CA ALA E 42 10.43 -3.03 -21.59
C ALA E 42 9.24 -3.59 -20.80
N PHE E 43 9.49 -4.08 -19.55
CA PHE E 43 8.46 -4.63 -18.65
C PHE E 43 8.57 -3.93 -17.30
N PRO E 44 8.01 -2.72 -17.21
CA PRO E 44 8.14 -1.92 -15.99
C PRO E 44 7.25 -2.34 -14.82
N ALA E 45 6.14 -3.06 -15.10
CA ALA E 45 5.15 -3.47 -14.09
C ALA E 45 4.62 -4.87 -14.32
N LEU E 46 4.07 -5.47 -13.25
CA LEU E 46 3.48 -6.81 -13.24
C LEU E 46 2.12 -6.85 -13.91
N GLN E 47 1.30 -5.84 -13.63
CA GLN E 47 -0.06 -5.72 -14.17
C GLN E 47 -0.09 -4.74 -15.33
N TYR E 48 -0.84 -5.12 -16.35
CA TYR E 48 -1.01 -4.29 -17.53
C TYR E 48 -2.44 -4.37 -18.10
N LEU E 49 -2.82 -3.39 -18.92
CA LEU E 49 -4.14 -3.40 -19.57
C LEU E 49 -4.04 -4.26 -20.82
N GLU E 50 -4.79 -5.40 -20.83
CA GLU E 50 -4.79 -6.35 -21.95
C GLU E 50 -5.71 -5.88 -23.07
N SER E 51 -6.76 -5.11 -22.70
CA SER E 51 -7.72 -4.52 -23.61
C SER E 51 -8.42 -3.36 -22.91
N VAL E 52 -8.85 -2.37 -23.70
CA VAL E 52 -9.62 -1.22 -23.22
C VAL E 52 -10.82 -1.05 -24.16
N ASP E 53 -12.04 -1.01 -23.60
CA ASP E 53 -13.27 -0.84 -24.37
C ASP E 53 -13.21 0.53 -25.02
N GLU E 54 -13.24 0.54 -26.39
CA GLU E 54 -13.12 1.71 -27.25
C GLU E 54 -14.03 2.87 -26.95
N GLY E 55 -15.09 2.55 -26.23
CA GLY E 55 -16.09 3.47 -25.71
C GLY E 55 -16.19 3.11 -24.24
N GLY E 56 -15.71 4.02 -23.39
CA GLY E 56 -15.66 3.79 -21.95
C GLY E 56 -14.71 4.69 -21.20
N VAL E 57 -14.96 4.79 -19.89
CA VAL E 57 -14.26 5.65 -18.92
C VAL E 57 -12.75 5.65 -19.08
N ALA E 58 -12.12 4.47 -19.14
CA ALA E 58 -10.67 4.32 -19.28
C ALA E 58 -10.17 4.81 -20.64
N TRP E 59 -10.88 4.52 -21.75
CA TRP E 59 -10.50 4.95 -23.10
C TRP E 59 -10.49 6.49 -23.20
N ARG E 60 -11.61 7.11 -22.75
CA ARG E 60 -11.78 8.56 -22.72
C ARG E 60 -10.67 9.23 -21.90
N ALA E 61 -10.23 8.57 -20.82
CA ALA E 61 -9.19 9.06 -19.93
C ALA E 61 -7.80 8.95 -20.53
N GLY E 62 -7.68 8.33 -21.72
CA GLY E 62 -6.43 8.18 -22.44
C GLY E 62 -5.73 6.85 -22.29
N LEU E 63 -6.34 5.92 -21.49
CA LEU E 63 -5.76 4.59 -21.26
C LEU E 63 -5.86 3.74 -22.50
N ARG E 64 -4.76 3.09 -22.86
CA ARG E 64 -4.76 2.22 -24.04
C ARG E 64 -4.24 0.82 -23.73
N MET E 65 -4.55 -0.14 -24.60
CA MET E 65 -4.10 -1.53 -24.53
C MET E 65 -2.56 -1.52 -24.46
N GLY E 66 -2.00 -2.25 -23.50
CA GLY E 66 -0.56 -2.33 -23.34
C GLY E 66 0.03 -1.47 -22.24
N ASP E 67 -0.76 -0.54 -21.72
CA ASP E 67 -0.36 0.33 -20.62
C ASP E 67 -0.07 -0.53 -19.36
N PHE E 68 1.09 -0.29 -18.70
CA PHE E 68 1.49 -0.99 -17.48
C PHE E 68 1.02 -0.22 -16.25
N LEU E 69 0.43 -0.93 -15.26
CA LEU E 69 -0.03 -0.29 -14.02
C LEU E 69 1.11 -0.02 -13.06
N ILE E 70 1.31 1.25 -12.72
CA ILE E 70 2.38 1.65 -11.81
C ILE E 70 1.82 1.98 -10.43
N GLU E 71 0.68 2.68 -10.35
CA GLU E 71 0.10 3.05 -9.07
C GLU E 71 -1.43 3.06 -9.07
N VAL E 72 -2.04 2.29 -8.12
CA VAL E 72 -3.49 2.24 -7.91
C VAL E 72 -3.86 3.09 -6.67
N ASN E 73 -4.58 4.22 -6.89
CA ASN E 73 -5.03 5.16 -5.85
C ASN E 73 -3.91 5.58 -4.87
N GLY E 74 -2.81 6.09 -5.44
CA GLY E 74 -1.67 6.58 -4.67
C GLY E 74 -0.62 5.55 -4.31
N GLN E 75 -1.04 4.29 -4.15
CA GLN E 75 -0.19 3.16 -3.77
C GLN E 75 0.46 2.43 -4.96
N ASN E 76 1.79 2.30 -4.93
CA ASN E 76 2.59 1.62 -5.93
C ASN E 76 2.21 0.15 -6.05
N VAL E 77 1.99 -0.32 -7.30
CA VAL E 77 1.55 -1.69 -7.57
C VAL E 77 2.48 -2.49 -8.48
N VAL E 78 3.69 -1.95 -8.75
CA VAL E 78 4.69 -2.54 -9.62
C VAL E 78 4.99 -4.02 -9.29
N LYS E 79 5.23 -4.34 -8.00
CA LYS E 79 5.53 -5.71 -7.56
C LYS E 79 4.32 -6.43 -6.90
N VAL E 80 3.16 -5.74 -6.81
CA VAL E 80 1.92 -6.26 -6.20
C VAL E 80 1.20 -7.23 -7.16
N GLY E 81 0.75 -8.36 -6.61
CA GLY E 81 0.07 -9.43 -7.33
C GLY E 81 -1.32 -9.07 -7.80
N HIS E 82 -1.78 -9.75 -8.86
CA HIS E 82 -3.06 -9.55 -9.52
C HIS E 82 -4.25 -9.42 -8.59
N ARG E 83 -4.45 -10.41 -7.69
CA ARG E 83 -5.56 -10.41 -6.74
C ARG E 83 -5.64 -9.11 -5.95
N GLN E 84 -4.52 -8.72 -5.31
CA GLN E 84 -4.42 -7.51 -4.49
C GLN E 84 -4.68 -6.21 -5.27
N VAL E 85 -4.16 -6.15 -6.54
CA VAL E 85 -4.36 -4.98 -7.40
C VAL E 85 -5.86 -4.81 -7.73
N VAL E 86 -6.51 -5.93 -8.06
CA VAL E 86 -7.95 -5.97 -8.36
C VAL E 86 -8.76 -5.50 -7.15
N ASN E 87 -8.42 -6.00 -5.95
CA ASN E 87 -9.09 -5.62 -4.70
C ASN E 87 -8.98 -4.12 -4.42
N MET E 88 -7.79 -3.54 -4.74
CA MET E 88 -7.49 -2.12 -4.58
C MET E 88 -8.31 -1.27 -5.52
N ILE E 89 -8.49 -1.75 -6.76
CA ILE E 89 -9.30 -1.07 -7.77
C ILE E 89 -10.77 -1.05 -7.31
N ARG E 90 -11.28 -2.21 -6.85
CA ARG E 90 -12.66 -2.40 -6.37
C ARG E 90 -13.01 -1.52 -5.17
N GLN E 91 -12.08 -1.45 -4.20
CA GLN E 91 -12.19 -0.65 -2.99
C GLN E 91 -12.79 0.73 -3.32
N GLY E 92 -12.12 1.45 -4.24
CA GLY E 92 -12.45 2.82 -4.65
C GLY E 92 -13.86 3.07 -5.15
N GLY E 93 -14.50 2.00 -5.63
CA GLY E 93 -15.86 2.05 -6.14
C GLY E 93 -15.92 2.66 -7.52
N ASN E 94 -16.62 3.81 -7.66
CA ASN E 94 -16.80 4.51 -8.93
C ASN E 94 -15.65 5.44 -9.34
N THR E 95 -14.74 5.72 -8.40
CA THR E 95 -13.59 6.59 -8.65
C THR E 95 -12.27 5.81 -8.60
N LEU E 96 -11.41 6.05 -9.58
CA LEU E 96 -10.12 5.39 -9.67
C LEU E 96 -9.08 6.36 -10.24
N MET E 97 -7.95 6.47 -9.53
CA MET E 97 -6.79 7.23 -9.97
C MET E 97 -5.71 6.23 -10.21
N VAL E 98 -5.16 6.24 -11.42
CA VAL E 98 -4.14 5.28 -11.85
C VAL E 98 -2.97 5.98 -12.56
N LYS E 99 -1.76 5.47 -12.32
CA LYS E 99 -0.54 5.92 -12.99
C LYS E 99 -0.08 4.75 -13.83
N VAL E 100 0.01 4.97 -15.15
CA VAL E 100 0.43 3.96 -16.13
C VAL E 100 1.61 4.45 -16.96
N VAL E 101 2.25 3.52 -17.66
CA VAL E 101 3.32 3.82 -18.61
C VAL E 101 3.05 3.09 -19.93
N MET E 102 3.21 3.80 -21.06
CA MET E 102 3.05 3.24 -22.41
C MET E 102 4.46 3.14 -22.94
N VAL E 103 4.98 1.92 -23.09
CA VAL E 103 6.32 1.68 -23.63
C VAL E 103 6.19 1.41 -25.12
N THR E 104 6.97 2.12 -25.94
CA THR E 104 6.93 2.00 -27.39
C THR E 104 8.35 1.86 -27.99
N ARG E 105 8.50 1.02 -29.07
CA ARG E 105 9.75 0.73 -29.81
C ARG E 105 10.74 0.03 -28.90
N ASP F 3 6.94 12.66 -21.64
CA ASP F 3 7.59 11.50 -22.28
C ASP F 3 9.08 11.57 -22.15
N TYR F 4 9.69 10.37 -22.04
CA TYR F 4 11.10 10.08 -21.83
C TYR F 4 11.65 9.13 -22.89
N ILE F 5 12.70 9.55 -23.58
CA ILE F 5 13.39 8.70 -24.55
C ILE F 5 14.50 7.99 -23.76
N ILE F 6 14.47 6.66 -23.76
CA ILE F 6 15.43 5.82 -23.04
C ILE F 6 16.36 5.18 -24.05
N LYS F 7 17.63 5.56 -24.01
CA LYS F 7 18.63 4.98 -24.88
C LYS F 7 19.50 4.00 -24.05
N GLU F 8 19.39 2.70 -24.35
CA GLU F 8 20.17 1.65 -23.66
C GLU F 8 21.48 1.48 -24.41
N LYS F 9 22.56 1.27 -23.66
CA LYS F 9 23.92 1.04 -24.18
C LYS F 9 24.69 0.06 -23.29
N THR F 10 25.17 -1.02 -23.90
CA THR F 10 25.94 -2.04 -23.22
C THR F 10 27.34 -1.94 -23.81
N VAL F 11 28.31 -1.52 -22.99
CA VAL F 11 29.67 -1.33 -23.49
C VAL F 11 30.69 -2.10 -22.69
N LEU F 12 31.81 -2.42 -23.35
CA LEU F 12 32.94 -3.08 -22.72
C LEU F 12 34.07 -2.05 -22.53
N LEU F 13 34.46 -1.80 -21.29
CA LEU F 13 35.52 -0.88 -20.95
C LEU F 13 36.79 -1.68 -20.69
N GLN F 14 37.86 -1.39 -21.45
CA GLN F 14 39.17 -2.02 -21.34
C GLN F 14 40.21 -0.95 -21.07
N LYS F 15 40.77 -0.96 -19.85
CA LYS F 15 41.79 0.00 -19.41
C LYS F 15 43.14 -0.68 -19.12
N LYS F 16 44.17 0.14 -18.90
CA LYS F 16 45.51 -0.29 -18.53
C LYS F 16 45.66 -0.15 -17.00
N ASP F 17 46.65 -0.84 -16.42
CA ASP F 17 46.93 -0.82 -14.97
C ASP F 17 47.12 0.61 -14.48
N SER F 18 47.91 1.39 -15.23
CA SER F 18 48.33 2.78 -14.99
C SER F 18 47.22 3.84 -15.15
N GLU F 19 45.95 3.42 -15.31
CA GLU F 19 44.83 4.34 -15.47
C GLU F 19 43.54 3.86 -14.80
N GLY F 20 42.52 4.70 -14.87
CA GLY F 20 41.18 4.42 -14.36
C GLY F 20 40.17 4.34 -15.49
N PHE F 21 38.92 3.92 -15.20
CA PHE F 21 37.88 3.84 -16.23
C PHE F 21 37.48 5.21 -16.75
N GLY F 22 37.72 6.23 -15.94
CA GLY F 22 37.46 7.60 -16.32
C GLY F 22 36.07 8.12 -16.03
N PHE F 23 35.49 7.71 -14.86
CA PHE F 23 34.16 8.19 -14.47
C PHE F 23 33.99 8.30 -12.97
N VAL F 24 33.03 9.10 -12.55
CA VAL F 24 32.72 9.28 -11.14
C VAL F 24 31.29 8.75 -10.96
N LEU F 25 31.14 7.71 -10.15
CA LEU F 25 29.83 7.12 -9.90
C LEU F 25 29.21 7.79 -8.67
N ARG F 26 27.95 8.21 -8.78
CA ARG F 26 27.25 8.86 -7.69
C ARG F 26 25.93 8.15 -7.45
N GLY F 27 25.52 8.09 -6.19
CA GLY F 27 24.25 7.47 -5.83
C GLY F 27 24.00 7.23 -4.36
N ALA F 28 22.96 6.41 -4.06
CA ALA F 28 22.55 6.01 -2.71
C ALA F 28 23.48 4.91 -2.22
N ILE F 34 15.88 6.26 3.90
CA ILE F 34 16.68 5.56 2.90
C ILE F 34 16.31 4.06 2.74
N GLU F 35 16.08 3.65 1.46
CA GLU F 35 15.68 2.33 0.91
C GLU F 35 14.29 2.30 0.24
N GLU F 36 13.74 3.51 -0.08
CA GLU F 36 12.44 3.74 -0.74
C GLU F 36 12.55 3.71 -2.29
N PHE F 37 13.42 2.80 -2.83
CA PHE F 37 13.64 2.77 -4.27
C PHE F 37 12.66 2.09 -5.21
N THR F 38 11.93 2.95 -5.93
CA THR F 38 10.98 2.56 -6.98
C THR F 38 11.56 3.13 -8.31
N PRO F 39 12.16 2.28 -9.20
CA PRO F 39 12.70 2.80 -10.46
C PRO F 39 11.61 3.40 -11.35
N THR F 40 11.76 4.69 -11.66
CA THR F 40 10.83 5.45 -12.51
C THR F 40 11.54 5.76 -13.84
N PRO F 41 10.84 6.10 -14.96
CA PRO F 41 11.53 6.41 -16.22
C PRO F 41 12.57 7.54 -16.11
N ALA F 42 12.30 8.54 -15.23
CA ALA F 42 13.17 9.70 -15.00
C ALA F 42 14.42 9.30 -14.21
N PHE F 43 14.26 8.42 -13.18
CA PHE F 43 15.35 7.90 -12.31
C PHE F 43 15.28 6.37 -12.31
N PRO F 44 15.81 5.76 -13.38
CA PRO F 44 15.70 4.30 -13.54
C PRO F 44 16.60 3.45 -12.69
N ALA F 45 17.65 4.02 -12.10
CA ALA F 45 18.59 3.27 -11.25
C ALA F 45 19.15 4.15 -10.16
N LEU F 46 19.72 3.51 -9.17
CA LEU F 46 20.30 4.16 -8.01
C LEU F 46 21.60 4.85 -8.30
N GLN F 47 22.46 4.20 -9.09
CA GLN F 47 23.77 4.72 -9.43
C GLN F 47 23.78 5.32 -10.83
N TYR F 48 24.37 6.52 -10.98
CA TYR F 48 24.49 7.25 -12.24
C TYR F 48 25.86 7.90 -12.36
N LEU F 49 26.37 8.02 -13.60
CA LEU F 49 27.65 8.66 -13.86
C LEU F 49 27.45 10.17 -13.66
N GLU F 50 28.12 10.73 -12.64
CA GLU F 50 28.05 12.16 -12.31
C GLU F 50 28.93 12.98 -13.24
N SER F 51 30.03 12.36 -13.73
CA SER F 51 30.99 12.94 -14.65
C SER F 51 31.77 11.86 -15.33
N VAL F 52 32.23 12.15 -16.56
CA VAL F 52 33.09 11.28 -17.36
C VAL F 52 34.28 12.11 -17.90
N ASP F 53 35.54 11.63 -17.68
CA ASP F 53 36.73 12.32 -18.17
C ASP F 53 36.73 12.24 -19.68
N GLU F 54 36.71 13.41 -20.33
CA GLU F 54 36.65 13.59 -21.79
C GLU F 54 37.54 12.67 -22.62
N GLY F 55 38.70 12.27 -22.11
CA GLY F 55 39.65 11.44 -22.85
C GLY F 55 39.78 9.97 -22.48
N GLY F 56 39.30 9.63 -21.28
CA GLY F 56 39.34 8.29 -20.71
C GLY F 56 38.55 7.20 -21.41
N VAL F 57 38.83 5.93 -21.00
CA VAL F 57 38.27 4.64 -21.44
C VAL F 57 36.74 4.70 -21.55
N ALA F 58 36.08 5.34 -20.58
CA ALA F 58 34.62 5.50 -20.55
C ALA F 58 34.10 6.45 -21.64
N TRP F 59 34.71 7.64 -21.80
CA TRP F 59 34.32 8.61 -22.83
C TRP F 59 34.45 8.03 -24.24
N ARG F 60 35.50 7.25 -24.46
CA ARG F 60 35.74 6.58 -25.73
C ARG F 60 34.68 5.52 -26.00
N ALA F 61 34.28 4.78 -24.95
CA ALA F 61 33.26 3.71 -25.02
C ALA F 61 31.82 4.24 -25.25
N GLY F 62 31.65 5.56 -25.20
CA GLY F 62 30.37 6.21 -25.45
C GLY F 62 29.60 6.61 -24.22
N LEU F 63 30.18 6.33 -23.01
CA LEU F 63 29.54 6.67 -21.74
C LEU F 63 29.58 8.17 -21.51
N ARG F 64 28.45 8.74 -21.10
CA ARG F 64 28.35 10.17 -20.86
C ARG F 64 27.77 10.48 -19.50
N MET F 65 27.97 11.72 -19.05
CA MET F 65 27.46 12.26 -17.81
C MET F 65 25.94 12.10 -17.82
N GLY F 66 25.39 11.55 -16.74
CA GLY F 66 23.96 11.34 -16.58
C GLY F 66 23.48 9.95 -16.86
N ASP F 67 24.34 9.08 -17.43
CA ASP F 67 24.02 7.69 -17.73
C ASP F 67 23.79 6.94 -16.42
N PHE F 68 22.66 6.21 -16.32
CA PHE F 68 22.30 5.42 -15.13
C PHE F 68 22.84 4.01 -15.27
N LEU F 69 23.43 3.46 -14.19
CA LEU F 69 23.95 2.10 -14.22
C LEU F 69 22.82 1.08 -14.02
N ILE F 70 22.67 0.18 -15.00
CA ILE F 70 21.65 -0.87 -14.96
C ILE F 70 22.28 -2.22 -14.60
N GLU F 71 23.43 -2.53 -15.22
CA GLU F 71 24.16 -3.78 -14.98
C GLU F 71 25.66 -3.60 -14.90
N VAL F 72 26.31 -4.34 -14.00
CA VAL F 72 27.77 -4.36 -13.83
C VAL F 72 28.16 -5.81 -14.02
N ASN F 73 28.94 -6.08 -15.07
CA ASN F 73 29.41 -7.42 -15.42
C ASN F 73 28.31 -8.51 -15.41
N GLY F 74 27.19 -8.21 -16.08
CA GLY F 74 26.05 -9.13 -16.18
C GLY F 74 25.08 -9.13 -15.00
N GLN F 75 25.50 -8.62 -13.84
CA GLN F 75 24.71 -8.57 -12.62
C GLN F 75 23.96 -7.23 -12.46
N ASN F 76 22.62 -7.31 -12.28
CA ASN F 76 21.74 -6.14 -12.16
C ASN F 76 22.10 -5.31 -10.92
N VAL F 77 22.19 -3.99 -11.08
CA VAL F 77 22.56 -3.07 -10.00
C VAL F 77 21.55 -1.95 -9.74
N VAL F 78 20.35 -2.04 -10.35
CA VAL F 78 19.28 -1.03 -10.25
C VAL F 78 18.95 -0.63 -8.79
N LYS F 79 18.74 -1.63 -7.91
CA LYS F 79 18.42 -1.40 -6.49
C LYS F 79 19.63 -1.62 -5.54
N VAL F 80 20.81 -1.91 -6.10
CA VAL F 80 22.03 -2.16 -5.33
C VAL F 80 22.69 -0.82 -4.94
N GLY F 81 23.08 -0.74 -3.66
CA GLY F 81 23.70 0.44 -3.06
C GLY F 81 25.09 0.74 -3.56
N HIS F 82 25.50 2.01 -3.40
CA HIS F 82 26.76 2.59 -3.86
C HIS F 82 27.98 1.78 -3.54
N ARG F 83 28.18 1.43 -2.25
CA ARG F 83 29.37 0.67 -1.84
C ARG F 83 29.50 -0.64 -2.65
N GLN F 84 28.42 -1.44 -2.71
CA GLN F 84 28.40 -2.72 -3.40
C GLN F 84 28.65 -2.59 -4.91
N VAL F 85 28.08 -1.56 -5.56
CA VAL F 85 28.28 -1.32 -6.99
C VAL F 85 29.75 -1.00 -7.29
N VAL F 86 30.36 -0.15 -6.45
CA VAL F 86 31.78 0.22 -6.55
C VAL F 86 32.67 -1.02 -6.44
N ASN F 87 32.40 -1.86 -5.43
CA ASN F 87 33.13 -3.10 -5.21
C ASN F 87 33.03 -4.04 -6.41
N MET F 88 31.85 -4.10 -7.05
CA MET F 88 31.56 -4.93 -8.23
C MET F 88 32.33 -4.45 -9.47
N ILE F 89 32.47 -3.14 -9.60
CA ILE F 89 33.21 -2.53 -10.69
C ILE F 89 34.70 -2.91 -10.50
N ARG F 90 35.22 -2.72 -9.27
CA ARG F 90 36.63 -2.99 -8.90
C ARG F 90 37.01 -4.45 -9.05
N GLN F 91 36.06 -5.36 -8.72
CA GLN F 91 36.15 -6.82 -8.79
C GLN F 91 36.67 -7.34 -10.16
N GLY F 92 36.31 -6.66 -11.25
CA GLY F 92 36.65 -7.03 -12.62
C GLY F 92 38.02 -6.58 -13.07
N GLY F 93 38.63 -5.69 -12.29
CA GLY F 93 39.96 -5.12 -12.52
C GLY F 93 40.00 -4.16 -13.68
N ASN F 94 40.75 -4.53 -14.76
CA ASN F 94 40.94 -3.67 -15.94
C ASN F 94 39.83 -3.76 -16.99
N THR F 95 38.94 -4.77 -16.87
CA THR F 95 37.83 -4.96 -17.79
C THR F 95 36.48 -4.73 -17.07
N LEU F 96 35.60 -3.93 -17.71
CA LEU F 96 34.27 -3.65 -17.16
C LEU F 96 33.25 -3.64 -18.27
N MET F 97 32.28 -4.54 -18.19
CA MET F 97 31.13 -4.56 -19.09
C MET F 97 29.99 -3.93 -18.28
N VAL F 98 29.39 -2.90 -18.83
CA VAL F 98 28.34 -2.13 -18.16
C VAL F 98 27.17 -1.87 -19.08
N LYS F 99 25.96 -1.91 -18.53
CA LYS F 99 24.73 -1.58 -19.25
C LYS F 99 24.18 -0.32 -18.60
N VAL F 100 24.02 0.73 -19.39
CA VAL F 100 23.54 2.03 -18.94
C VAL F 100 22.33 2.48 -19.73
N VAL F 101 21.62 3.50 -19.22
CA VAL F 101 20.51 4.14 -19.91
C VAL F 101 20.70 5.65 -19.87
N MET F 102 20.47 6.30 -21.03
CA MET F 102 20.51 7.75 -21.17
C MET F 102 19.05 8.16 -21.30
N VAL F 103 18.54 8.88 -20.31
CA VAL F 103 17.17 9.38 -20.28
C VAL F 103 17.15 10.78 -20.89
N THR F 104 16.26 11.02 -21.85
CA THR F 104 16.19 12.29 -22.56
C THR F 104 14.76 12.78 -22.63
N ARG F 105 14.59 14.12 -22.58
CA ARG F 105 13.29 14.83 -22.64
C ARG F 105 12.40 14.49 -21.41
N ASP G 3 14.17 -11.60 -24.49
CA ASP G 3 13.12 -12.61 -24.64
C ASP G 3 11.80 -12.12 -25.23
N TYR G 4 11.53 -12.48 -26.52
CA TYR G 4 10.32 -12.07 -27.23
C TYR G 4 9.71 -13.02 -28.27
N ILE G 5 8.41 -12.79 -28.58
CA ILE G 5 7.57 -13.61 -29.45
C ILE G 5 7.33 -12.88 -30.76
N ILE G 6 7.75 -13.49 -31.88
CA ILE G 6 7.61 -12.95 -33.23
C ILE G 6 6.56 -13.72 -33.97
N LYS G 7 5.49 -13.05 -34.35
CA LYS G 7 4.46 -13.73 -35.11
C LYS G 7 4.42 -13.12 -36.50
N GLU G 8 4.74 -13.91 -37.51
CA GLU G 8 4.66 -13.47 -38.92
C GLU G 8 3.25 -13.73 -39.46
N LYS G 9 2.71 -12.79 -40.23
CA LYS G 9 1.37 -12.93 -40.83
C LYS G 9 1.30 -12.26 -42.19
N THR G 10 0.82 -13.00 -43.18
CA THR G 10 0.62 -12.50 -44.54
C THR G 10 -0.88 -12.50 -44.76
N VAL G 11 -1.48 -11.32 -44.84
CA VAL G 11 -2.93 -11.19 -44.97
C VAL G 11 -3.38 -10.41 -46.18
N LEU G 12 -4.57 -10.76 -46.69
CA LEU G 12 -5.18 -10.09 -47.82
C LEU G 12 -6.31 -9.19 -47.30
N LEU G 13 -6.19 -7.89 -47.51
CA LEU G 13 -7.19 -6.90 -47.11
C LEU G 13 -8.07 -6.58 -48.32
N GLN G 14 -9.40 -6.78 -48.16
CA GLN G 14 -10.41 -6.52 -49.17
C GLN G 14 -11.42 -5.52 -48.62
N LYS G 15 -11.39 -4.26 -49.15
CA LYS G 15 -12.28 -3.20 -48.70
C LYS G 15 -13.28 -2.77 -49.77
N LYS G 16 -14.30 -1.99 -49.32
CA LYS G 16 -15.38 -1.37 -50.11
C LYS G 16 -14.90 0.06 -50.47
N ASP G 17 -15.33 0.54 -51.66
CA ASP G 17 -15.04 1.87 -52.19
C ASP G 17 -15.25 2.92 -51.11
N SER G 18 -16.36 2.81 -50.37
CA SER G 18 -16.83 3.74 -49.32
C SER G 18 -16.04 3.71 -48.01
N GLU G 19 -14.93 2.99 -47.98
CA GLU G 19 -14.11 2.88 -46.77
C GLU G 19 -12.61 2.85 -47.04
N GLY G 20 -11.86 2.78 -45.95
CA GLY G 20 -10.41 2.66 -45.93
C GLY G 20 -10.03 1.30 -45.37
N PHE G 21 -8.73 0.96 -45.43
CA PHE G 21 -8.24 -0.29 -44.92
C PHE G 21 -8.38 -0.37 -43.42
N GLY G 22 -8.46 0.77 -42.75
CA GLY G 22 -8.70 0.83 -41.32
C GLY G 22 -7.46 0.81 -40.47
N PHE G 23 -6.37 1.48 -40.96
CA PHE G 23 -5.11 1.55 -40.20
C PHE G 23 -4.38 2.86 -40.45
N VAL G 24 -3.50 3.22 -39.54
CA VAL G 24 -2.67 4.41 -39.65
C VAL G 24 -1.23 3.90 -39.74
N LEU G 25 -0.56 4.14 -40.86
CA LEU G 25 0.81 3.72 -41.06
C LEU G 25 1.73 4.83 -40.59
N ARG G 26 2.71 4.48 -39.74
CA ARG G 26 3.70 5.41 -39.20
C ARG G 26 5.10 4.91 -39.52
N GLY G 27 6.00 5.85 -39.77
CA GLY G 27 7.40 5.54 -40.06
C GLY G 27 8.21 6.67 -40.66
N ALA G 28 9.32 6.27 -41.32
CA ALA G 28 10.34 7.11 -41.94
C ALA G 28 10.13 7.34 -43.45
N ILE G 34 20.04 9.77 -44.99
CA ILE G 34 20.26 8.82 -43.90
C ILE G 34 19.72 7.40 -44.17
N GLU G 35 20.30 6.70 -45.17
CA GLU G 35 19.89 5.32 -45.50
C GLU G 35 20.55 4.28 -44.51
N GLU G 36 20.67 4.71 -43.22
CA GLU G 36 21.26 4.03 -42.05
C GLU G 36 20.33 3.00 -41.32
N PHE G 37 20.35 1.72 -41.77
CA PHE G 37 19.50 0.68 -41.19
C PHE G 37 19.88 -0.78 -41.45
N THR G 38 19.80 -1.55 -40.35
CA THR G 38 19.94 -2.99 -40.24
C THR G 38 18.86 -3.40 -39.24
N PRO G 39 17.95 -4.32 -39.59
CA PRO G 39 16.90 -4.68 -38.64
C PRO G 39 17.32 -5.70 -37.61
N THR G 40 16.71 -5.60 -36.42
CA THR G 40 16.89 -6.52 -35.28
C THR G 40 15.50 -6.89 -34.73
N PRO G 41 15.25 -8.21 -34.45
CA PRO G 41 13.95 -8.70 -33.97
C PRO G 41 12.99 -7.78 -33.24
N ALA G 42 13.52 -6.89 -32.40
CA ALA G 42 12.71 -5.91 -31.68
C ALA G 42 12.13 -4.83 -32.62
N PHE G 43 12.95 -4.37 -33.58
CA PHE G 43 12.60 -3.31 -34.53
C PHE G 43 12.98 -3.82 -35.92
N PRO G 44 12.10 -4.63 -36.52
CA PRO G 44 12.40 -5.26 -37.82
C PRO G 44 12.15 -4.43 -39.08
N ALA G 45 11.31 -3.39 -39.00
CA ALA G 45 10.95 -2.58 -40.17
C ALA G 45 10.74 -1.10 -39.90
N LEU G 46 10.89 -0.30 -40.98
CA LEU G 46 10.73 1.15 -40.98
C LEU G 46 9.29 1.58 -40.74
N GLN G 47 8.33 0.96 -41.44
CA GLN G 47 6.91 1.27 -41.33
C GLN G 47 6.20 0.29 -40.44
N TYR G 48 5.28 0.81 -39.64
CA TYR G 48 4.51 0.01 -38.73
C TYR G 48 3.09 0.56 -38.57
N LEU G 49 2.17 -0.26 -38.06
CA LEU G 49 0.79 0.17 -37.83
C LEU G 49 0.74 0.84 -36.46
N GLU G 50 0.47 2.14 -36.44
CA GLU G 50 0.38 2.93 -35.21
C GLU G 50 -0.94 2.73 -34.51
N SER G 51 -2.01 2.41 -35.30
CA SER G 51 -3.36 2.17 -34.82
C SER G 51 -4.13 1.44 -35.88
N VAL G 52 -5.11 0.61 -35.44
CA VAL G 52 -6.03 -0.12 -36.30
C VAL G 52 -7.45 0.10 -35.77
N ASP G 53 -8.37 0.53 -36.67
CA ASP G 53 -9.77 0.77 -36.31
C ASP G 53 -10.41 -0.56 -35.93
N GLU G 54 -10.92 -0.64 -34.65
CA GLU G 54 -11.52 -1.81 -33.97
C GLU G 54 -12.36 -2.78 -34.81
N GLY G 55 -13.04 -2.26 -35.81
CA GLY G 55 -13.87 -3.12 -36.65
C GLY G 55 -13.60 -3.05 -38.13
N GLY G 56 -12.49 -2.39 -38.52
CA GLY G 56 -12.09 -2.18 -39.90
C GLY G 56 -11.50 -3.40 -40.59
N VAL G 57 -11.46 -3.34 -41.96
CA VAL G 57 -10.92 -4.35 -42.87
C VAL G 57 -9.60 -4.95 -42.35
N ALA G 58 -8.66 -4.09 -41.93
CA ALA G 58 -7.34 -4.49 -41.40
C ALA G 58 -7.48 -5.25 -40.11
N TRP G 59 -8.34 -4.75 -39.18
CA TRP G 59 -8.57 -5.41 -37.90
C TRP G 59 -9.10 -6.84 -38.08
N ARG G 60 -10.16 -7.03 -38.90
CA ARG G 60 -10.81 -8.29 -39.26
C ARG G 60 -9.82 -9.26 -39.91
N ALA G 61 -8.84 -8.71 -40.65
CA ALA G 61 -7.78 -9.49 -41.32
C ALA G 61 -6.71 -9.99 -40.34
N GLY G 62 -6.75 -9.53 -39.09
CA GLY G 62 -5.82 -9.95 -38.08
C GLY G 62 -4.74 -8.95 -37.74
N LEU G 63 -4.72 -7.80 -38.45
CA LEU G 63 -3.72 -6.75 -38.24
C LEU G 63 -3.99 -6.00 -36.94
N ARG G 64 -2.94 -5.78 -36.18
CA ARG G 64 -3.06 -5.11 -34.90
C ARG G 64 -2.06 -3.98 -34.78
N MET G 65 -2.32 -3.08 -33.85
CA MET G 65 -1.46 -1.96 -33.47
C MET G 65 -0.07 -2.52 -33.11
N GLY G 66 0.97 -1.96 -33.70
CA GLY G 66 2.34 -2.37 -33.43
C GLY G 66 2.95 -3.29 -34.47
N ASP G 67 2.14 -3.86 -35.36
CA ASP G 67 2.61 -4.73 -36.44
C ASP G 67 3.55 -3.96 -37.39
N PHE G 68 4.72 -4.53 -37.72
CA PHE G 68 5.72 -3.91 -38.60
C PHE G 68 5.52 -4.40 -40.02
N LEU G 69 5.56 -3.47 -41.01
CA LEU G 69 5.36 -3.82 -42.41
C LEU G 69 6.61 -4.40 -43.01
N ILE G 70 6.51 -5.64 -43.49
CA ILE G 70 7.63 -6.35 -44.11
C ILE G 70 7.47 -6.37 -45.63
N GLU G 71 6.25 -6.61 -46.14
CA GLU G 71 5.96 -6.67 -47.57
C GLU G 71 4.63 -6.04 -47.92
N VAL G 72 4.59 -5.33 -49.05
CA VAL G 72 3.38 -4.72 -49.63
C VAL G 72 3.25 -5.32 -51.02
N ASN G 73 2.16 -6.05 -51.25
CA ASN G 73 1.84 -6.68 -52.54
C ASN G 73 3.02 -7.52 -53.16
N GLY G 74 3.64 -8.35 -52.32
CA GLY G 74 4.76 -9.21 -52.70
C GLY G 74 6.13 -8.56 -52.69
N GLN G 75 6.17 -7.19 -52.70
CA GLN G 75 7.41 -6.41 -52.70
C GLN G 75 7.86 -6.02 -51.29
N ASN G 76 9.12 -6.35 -50.93
CA ASN G 76 9.73 -6.05 -49.62
C ASN G 76 9.83 -4.55 -49.38
N VAL G 77 9.39 -4.09 -48.19
CA VAL G 77 9.35 -2.68 -47.82
C VAL G 77 10.11 -2.34 -46.53
N VAL G 78 10.92 -3.27 -46.03
CA VAL G 78 11.70 -3.12 -44.78
C VAL G 78 12.50 -1.79 -44.70
N LYS G 79 13.26 -1.48 -45.78
CA LYS G 79 14.08 -0.26 -45.84
C LYS G 79 13.46 0.85 -46.75
N VAL G 80 12.23 0.62 -47.26
CA VAL G 80 11.52 1.55 -48.14
C VAL G 80 10.85 2.65 -47.28
N GLY G 81 10.99 3.89 -47.72
CA GLY G 81 10.47 5.06 -47.02
C GLY G 81 8.96 5.19 -47.10
N HIS G 82 8.40 5.93 -46.12
CA HIS G 82 6.98 6.17 -45.93
C HIS G 82 6.21 6.52 -47.19
N ARG G 83 6.64 7.56 -47.91
CA ARG G 83 5.98 8.02 -49.13
C ARG G 83 5.78 6.88 -50.13
N GLN G 84 6.87 6.15 -50.46
CA GLN G 84 6.88 5.04 -51.42
C GLN G 84 5.99 3.88 -50.97
N VAL G 85 5.99 3.57 -49.65
CA VAL G 85 5.18 2.46 -49.11
C VAL G 85 3.70 2.80 -49.29
N VAL G 86 3.32 4.05 -48.98
CA VAL G 86 1.96 4.55 -49.12
C VAL G 86 1.52 4.46 -50.57
N ASN G 87 2.37 4.89 -51.51
CA ASN G 87 2.09 4.83 -52.97
C ASN G 87 1.84 3.41 -53.47
N MET G 88 2.61 2.43 -52.98
CA MET G 88 2.48 0.98 -53.24
C MET G 88 1.12 0.50 -52.73
N ILE G 89 0.74 0.85 -51.49
CA ILE G 89 -0.53 0.48 -50.87
C ILE G 89 -1.69 0.98 -51.75
N ARG G 90 -1.59 2.26 -52.18
CA ARG G 90 -2.60 2.93 -53.03
C ARG G 90 -2.74 2.31 -54.39
N GLN G 91 -1.62 1.86 -54.95
CA GLN G 91 -1.47 1.22 -56.26
C GLN G 91 -2.40 0.03 -56.48
N GLY G 92 -2.73 -0.69 -55.41
CA GLY G 92 -3.61 -1.86 -55.45
C GLY G 92 -5.09 -1.59 -55.36
N GLY G 93 -5.46 -0.35 -54.98
CA GLY G 93 -6.85 0.07 -54.83
C GLY G 93 -7.60 -0.48 -53.63
N ASN G 94 -8.63 -1.28 -53.87
CA ASN G 94 -9.44 -1.89 -52.79
C ASN G 94 -8.86 -3.20 -52.21
N THR G 95 -7.83 -3.76 -52.87
CA THR G 95 -7.17 -4.99 -52.40
C THR G 95 -5.71 -4.72 -51.97
N LEU G 96 -5.33 -5.19 -50.78
CA LEU G 96 -3.97 -5.04 -50.27
C LEU G 96 -3.50 -6.33 -49.61
N MET G 97 -2.40 -6.90 -50.11
CA MET G 97 -1.77 -8.05 -49.49
C MET G 97 -0.59 -7.49 -48.77
N VAL G 98 -0.50 -7.76 -47.49
CA VAL G 98 0.57 -7.28 -46.65
C VAL G 98 1.21 -8.49 -45.92
N LYS G 99 2.51 -8.38 -45.54
CA LYS G 99 3.25 -9.30 -44.64
C LYS G 99 3.76 -8.45 -43.48
N VAL G 100 3.32 -8.78 -42.28
CA VAL G 100 3.69 -8.07 -41.06
C VAL G 100 4.30 -9.01 -40.03
N VAL G 101 4.95 -8.44 -39.02
CA VAL G 101 5.46 -9.15 -37.86
C VAL G 101 4.96 -8.46 -36.61
N MET G 102 4.36 -9.25 -35.72
CA MET G 102 4.01 -8.78 -34.40
C MET G 102 5.05 -9.23 -33.41
N VAL G 103 5.67 -8.27 -32.79
CA VAL G 103 6.68 -8.52 -31.76
C VAL G 103 5.96 -8.34 -30.42
N THR G 104 6.09 -9.34 -29.55
CA THR G 104 5.42 -9.36 -28.24
C THR G 104 6.40 -9.65 -27.12
N ARG G 105 6.37 -8.75 -26.10
CA ARG G 105 7.19 -8.68 -24.88
C ARG G 105 8.70 -8.99 -25.00
N ASP H 3 5.44 -18.12 -36.00
CA ASP H 3 5.77 -18.24 -34.59
C ASP H 3 7.19 -18.64 -34.25
N TYR H 4 7.89 -17.71 -33.57
CA TYR H 4 9.26 -17.87 -33.15
C TYR H 4 9.46 -17.39 -31.72
N ILE H 5 10.41 -18.02 -31.03
CA ILE H 5 10.76 -17.66 -29.66
C ILE H 5 12.16 -17.10 -29.77
N ILE H 6 12.27 -15.77 -29.89
CA ILE H 6 13.56 -15.10 -30.03
C ILE H 6 14.09 -14.75 -28.66
N LYS H 7 15.18 -15.42 -28.27
CA LYS H 7 15.82 -15.16 -26.98
C LYS H 7 17.11 -14.41 -27.24
N GLU H 8 17.17 -13.14 -26.83
CA GLU H 8 18.37 -12.31 -26.98
C GLU H 8 19.25 -12.50 -25.75
N LYS H 9 20.59 -12.51 -25.97
CA LYS H 9 21.56 -12.59 -24.89
C LYS H 9 22.86 -11.89 -25.20
N THR H 10 23.29 -10.99 -24.31
CA THR H 10 24.54 -10.24 -24.45
C THR H 10 25.43 -10.71 -23.33
N VAL H 11 26.50 -11.44 -23.66
CA VAL H 11 27.39 -12.02 -22.66
C VAL H 11 28.84 -11.61 -22.81
N LEU H 12 29.54 -11.59 -21.69
CA LEU H 12 30.98 -11.30 -21.65
C LEU H 12 31.74 -12.64 -21.43
N LEU H 13 32.60 -12.99 -22.38
CA LEU H 13 33.39 -14.20 -22.32
C LEU H 13 34.81 -13.80 -21.91
N GLN H 14 35.29 -14.38 -20.79
CA GLN H 14 36.63 -14.16 -20.23
C GLN H 14 37.37 -15.49 -20.16
N LYS H 15 38.41 -15.66 -21.00
CA LYS H 15 39.19 -16.90 -21.10
C LYS H 15 40.65 -16.66 -20.71
N LYS H 16 41.42 -17.77 -20.60
CA LYS H 16 42.84 -17.77 -20.28
C LYS H 16 43.62 -17.91 -21.58
N ASP H 17 44.92 -17.54 -21.59
CA ASP H 17 45.80 -17.59 -22.77
C ASP H 17 45.81 -18.99 -23.40
N SER H 18 45.98 -20.00 -22.54
CA SER H 18 46.07 -21.43 -22.84
C SER H 18 44.78 -22.09 -23.34
N GLU H 19 43.70 -21.33 -23.55
CA GLU H 19 42.41 -21.89 -24.00
C GLU H 19 41.72 -21.03 -25.07
N GLY H 20 40.58 -21.56 -25.55
CA GLY H 20 39.70 -20.91 -26.51
C GLY H 20 38.37 -20.58 -25.88
N PHE H 21 37.53 -19.81 -26.58
CA PHE H 21 36.21 -19.43 -26.06
C PHE H 21 35.27 -20.61 -25.95
N GLY H 22 35.56 -21.67 -26.70
CA GLY H 22 34.79 -22.90 -26.62
C GLY H 22 33.60 -22.99 -27.57
N PHE H 23 33.76 -22.46 -28.79
CA PHE H 23 32.69 -22.54 -29.79
C PHE H 23 33.24 -22.63 -31.20
N VAL H 24 32.41 -23.10 -32.12
CA VAL H 24 32.76 -23.21 -33.53
C VAL H 24 31.81 -22.28 -34.26
N LEU H 25 32.33 -21.23 -34.89
CA LEU H 25 31.51 -20.30 -35.64
C LEU H 25 31.37 -20.78 -37.09
N ARG H 26 30.15 -20.81 -37.60
CA ARG H 26 29.87 -21.21 -38.98
C ARG H 26 29.07 -20.12 -39.70
N GLY H 27 29.31 -19.96 -41.00
CA GLY H 27 28.64 -18.98 -41.86
C GLY H 27 29.28 -18.75 -43.22
N ALA H 28 28.86 -17.70 -43.94
CA ALA H 28 29.32 -17.38 -45.28
C ALA H 28 30.65 -16.62 -45.31
N ILE H 34 28.37 -12.01 -54.21
CA ILE H 34 27.55 -12.15 -53.00
C ILE H 34 27.17 -10.77 -52.41
N GLU H 35 25.85 -10.37 -52.54
CA GLU H 35 25.23 -9.11 -52.05
C GLU H 35 23.66 -9.06 -52.09
N GLU H 36 22.97 -9.84 -51.21
CA GLU H 36 21.49 -9.93 -51.17
C GLU H 36 20.87 -10.32 -49.78
N PHE H 37 21.58 -10.10 -48.65
CA PHE H 37 21.08 -10.50 -47.33
C PHE H 37 19.95 -9.69 -46.69
N THR H 38 18.81 -10.39 -46.53
CA THR H 38 17.57 -9.96 -45.90
C THR H 38 17.39 -10.76 -44.59
N PRO H 39 17.71 -10.18 -43.40
CA PRO H 39 17.52 -10.92 -42.15
C PRO H 39 16.04 -11.24 -41.88
N THR H 40 15.74 -12.54 -41.73
CA THR H 40 14.40 -13.11 -41.49
C THR H 40 14.37 -13.64 -40.07
N PRO H 41 13.17 -13.81 -39.40
CA PRO H 41 13.18 -14.30 -38.00
C PRO H 41 13.83 -15.68 -37.85
N ALA H 42 13.72 -16.55 -38.88
CA ALA H 42 14.31 -17.89 -38.87
C ALA H 42 15.81 -17.83 -39.05
N PHE H 43 16.27 -16.93 -39.96
CA PHE H 43 17.68 -16.71 -40.25
C PHE H 43 18.07 -15.22 -40.03
N PRO H 44 18.25 -14.79 -38.73
CA PRO H 44 18.48 -13.37 -38.44
C PRO H 44 19.87 -12.82 -38.75
N ALA H 45 20.84 -13.68 -39.11
CA ALA H 45 22.22 -13.27 -39.31
C ALA H 45 23.01 -14.21 -40.18
N LEU H 46 24.24 -13.82 -40.51
CA LEU H 46 25.17 -14.53 -41.37
C LEU H 46 26.11 -15.50 -40.65
N GLN H 47 26.36 -15.29 -39.36
CA GLN H 47 27.22 -16.18 -38.55
C GLN H 47 26.46 -16.74 -37.39
N TYR H 48 26.67 -18.02 -37.12
CA TYR H 48 26.01 -18.70 -36.02
C TYR H 48 26.94 -19.70 -35.33
N LEU H 49 26.60 -20.13 -34.11
CA LEU H 49 27.41 -21.13 -33.38
C LEU H 49 26.94 -22.49 -33.84
N GLU H 50 27.83 -23.24 -34.49
CA GLU H 50 27.54 -24.58 -34.98
C GLU H 50 27.64 -25.62 -33.86
N SER H 51 28.46 -25.34 -32.85
CA SER H 51 28.71 -26.21 -31.69
C SER H 51 29.34 -25.37 -30.59
N VAL H 52 29.12 -25.77 -29.35
CA VAL H 52 29.70 -25.16 -28.15
C VAL H 52 30.20 -26.30 -27.25
N ASP H 53 31.49 -26.20 -26.81
CA ASP H 53 32.11 -27.19 -25.91
C ASP H 53 31.39 -27.11 -24.56
N GLU H 54 30.77 -28.22 -24.14
CA GLU H 54 29.94 -28.34 -22.93
C GLU H 54 30.50 -27.86 -21.58
N GLY H 55 31.79 -27.54 -21.53
CA GLY H 55 32.41 -27.07 -20.30
C GLY H 55 33.16 -25.75 -20.40
N GLY H 56 33.39 -25.31 -21.64
CA GLY H 56 34.13 -24.08 -21.98
C GLY H 56 33.47 -22.78 -21.59
N VAL H 57 34.28 -21.69 -21.67
CA VAL H 57 33.97 -20.28 -21.39
C VAL H 57 32.60 -19.83 -21.97
N ALA H 58 32.33 -20.16 -23.27
CA ALA H 58 31.09 -19.84 -23.99
C ALA H 58 29.88 -20.56 -23.42
N TRP H 59 30.00 -21.85 -23.06
CA TRP H 59 28.91 -22.64 -22.48
C TRP H 59 28.47 -22.05 -21.14
N ARG H 60 29.45 -21.81 -20.25
CA ARG H 60 29.28 -21.20 -18.92
C ARG H 60 28.56 -19.87 -19.04
N ALA H 61 28.89 -19.10 -20.10
CA ALA H 61 28.29 -17.80 -20.36
C ALA H 61 26.84 -17.87 -20.86
N GLY H 62 26.37 -19.07 -21.17
CA GLY H 62 24.99 -19.28 -21.63
C GLY H 62 24.84 -19.50 -23.13
N LEU H 63 25.95 -19.45 -23.89
CA LEU H 63 25.91 -19.63 -25.33
C LEU H 63 25.63 -21.07 -25.69
N ARG H 64 24.70 -21.28 -26.64
CA ARG H 64 24.33 -22.63 -27.07
C ARG H 64 24.43 -22.80 -28.60
N MET H 65 24.57 -24.02 -29.11
CA MET H 65 24.64 -24.10 -30.56
C MET H 65 23.32 -23.60 -31.14
N GLY H 66 23.41 -23.16 -32.37
CA GLY H 66 22.29 -22.57 -33.06
C GLY H 66 22.15 -21.08 -32.83
N ASP H 67 22.81 -20.51 -31.79
CA ASP H 67 22.81 -19.09 -31.48
C ASP H 67 23.41 -18.29 -32.68
N PHE H 68 22.70 -17.22 -33.15
CA PHE H 68 23.13 -16.38 -34.26
C PHE H 68 23.90 -15.20 -33.70
N LEU H 69 25.04 -14.85 -34.32
CA LEU H 69 25.84 -13.71 -33.89
C LEU H 69 25.27 -12.42 -34.40
N ILE H 70 24.93 -11.51 -33.48
CA ILE H 70 24.34 -10.22 -33.81
C ILE H 70 25.38 -9.11 -33.67
N GLU H 71 26.17 -9.14 -32.58
CA GLU H 71 27.22 -8.14 -32.30
C GLU H 71 28.47 -8.74 -31.72
N VAL H 72 29.63 -8.25 -32.17
CA VAL H 72 30.95 -8.64 -31.66
C VAL H 72 31.58 -7.35 -31.14
N ASN H 73 31.83 -7.31 -29.83
CA ASN H 73 32.44 -6.19 -29.14
C ASN H 73 31.78 -4.82 -29.47
N GLY H 74 30.47 -4.79 -29.41
CA GLY H 74 29.71 -3.57 -29.69
C GLY H 74 29.35 -3.31 -31.14
N GLN H 75 30.10 -3.91 -32.07
CA GLN H 75 29.94 -3.75 -33.52
C GLN H 75 29.03 -4.80 -34.15
N ASN H 76 27.98 -4.36 -34.87
CA ASN H 76 26.99 -5.23 -35.54
C ASN H 76 27.63 -6.10 -36.63
N VAL H 77 27.32 -7.40 -36.61
CA VAL H 77 27.92 -8.38 -37.54
C VAL H 77 26.91 -9.15 -38.40
N VAL H 78 25.64 -8.76 -38.37
CA VAL H 78 24.53 -9.40 -39.08
C VAL H 78 24.82 -9.70 -40.58
N LYS H 79 25.33 -8.69 -41.32
CA LYS H 79 25.66 -8.83 -42.75
C LYS H 79 27.19 -9.02 -43.03
N VAL H 80 28.03 -9.03 -41.95
CA VAL H 80 29.49 -9.16 -42.03
C VAL H 80 29.88 -10.64 -42.28
N GLY H 81 30.83 -10.84 -43.20
CA GLY H 81 31.32 -12.16 -43.61
C GLY H 81 32.18 -12.85 -42.58
N HIS H 82 32.25 -14.20 -42.71
CA HIS H 82 32.95 -15.10 -41.79
C HIS H 82 34.34 -14.66 -41.40
N ARG H 83 35.21 -14.42 -42.39
CA ARG H 83 36.61 -14.04 -42.16
C ARG H 83 36.71 -12.82 -41.25
N GLN H 84 35.99 -11.74 -41.55
CA GLN H 84 35.96 -10.49 -40.78
C GLN H 84 35.43 -10.68 -39.36
N VAL H 85 34.36 -11.48 -39.18
CA VAL H 85 33.78 -11.77 -37.86
C VAL H 85 34.79 -12.48 -36.96
N VAL H 86 35.52 -13.47 -37.53
CA VAL H 86 36.57 -14.25 -36.85
C VAL H 86 37.68 -13.33 -36.39
N ASN H 87 38.13 -12.42 -37.29
CA ASN H 87 39.17 -11.44 -37.01
C ASN H 87 38.77 -10.53 -35.88
N MET H 88 37.48 -10.11 -35.86
CA MET H 88 36.89 -9.24 -34.83
C MET H 88 36.87 -9.91 -33.46
N ILE H 89 36.57 -11.22 -33.43
CA ILE H 89 36.54 -12.02 -32.19
C ILE H 89 37.97 -12.11 -31.65
N ARG H 90 38.95 -12.45 -32.52
CA ARG H 90 40.37 -12.57 -32.20
C ARG H 90 40.98 -11.23 -31.73
N GLN H 91 40.54 -10.11 -32.34
CA GLN H 91 40.97 -8.73 -32.07
C GLN H 91 40.92 -8.34 -30.58
N GLY H 92 39.97 -8.92 -29.85
CA GLY H 92 39.75 -8.67 -28.43
C GLY H 92 40.62 -9.47 -27.48
N GLY H 93 41.28 -10.51 -28.02
CA GLY H 93 42.17 -11.40 -27.26
C GLY H 93 41.44 -12.37 -26.37
N ASN H 94 41.66 -12.24 -25.06
CA ASN H 94 41.04 -13.11 -24.04
C ASN H 94 39.63 -12.72 -23.60
N THR H 95 39.19 -11.52 -24.00
CA THR H 95 37.85 -11.02 -23.65
C THR H 95 36.99 -10.87 -24.91
N LEU H 96 35.76 -11.37 -24.85
CA LEU H 96 34.82 -11.26 -25.95
C LEU H 96 33.43 -10.96 -25.42
N MET H 97 32.88 -9.81 -25.81
CA MET H 97 31.52 -9.44 -25.52
C MET H 97 30.77 -9.72 -26.80
N VAL H 98 29.72 -10.55 -26.72
CA VAL H 98 28.93 -10.97 -27.89
C VAL H 98 27.43 -10.86 -27.60
N LYS H 99 26.65 -10.47 -28.60
CA LYS H 99 25.19 -10.43 -28.55
C LYS H 99 24.72 -11.48 -29.54
N VAL H 100 23.93 -12.43 -29.05
CA VAL H 100 23.37 -13.53 -29.85
C VAL H 100 21.85 -13.61 -29.71
N VAL H 101 21.20 -14.39 -30.62
CA VAL H 101 19.78 -14.70 -30.58
C VAL H 101 19.58 -16.20 -30.75
N MET H 102 18.69 -16.78 -29.94
CA MET H 102 18.30 -18.19 -30.04
C MET H 102 16.89 -18.18 -30.59
N VAL H 103 16.74 -18.67 -31.82
CA VAL H 103 15.46 -18.75 -32.50
C VAL H 103 14.90 -20.14 -32.32
N THR H 104 13.63 -20.23 -31.90
CA THR H 104 12.96 -21.50 -31.63
C THR H 104 11.57 -21.57 -32.32
N ARG H 105 11.36 -22.65 -33.10
CA ARG H 105 10.18 -23.05 -33.88
C ARG H 105 9.91 -22.14 -35.06
N ASP I 3 -21.17 4.88 56.71
CA ASP I 3 -20.73 3.55 57.15
C ASP I 3 -19.48 3.00 56.39
N GLU I 4 -18.50 2.52 57.18
CA GLU I 4 -17.17 2.05 56.76
C GLU I 4 -16.95 0.59 57.08
N THR I 5 -15.97 -0.04 56.39
CA THR I 5 -15.53 -1.43 56.62
C THR I 5 -14.05 -1.54 56.31
N ASN I 6 -13.31 -2.24 57.18
CA ASN I 6 -11.88 -2.45 56.99
C ASN I 6 -11.70 -3.76 56.24
N LEU I 7 -11.09 -3.67 55.04
CA LEU I 7 -10.90 -4.82 54.19
C LEU I 7 -9.44 -5.13 53.90
N ASP J 3 -33.28 7.18 17.08
CA ASP J 3 -34.23 8.28 16.87
C ASP J 3 -33.57 9.67 16.87
N GLU J 4 -33.87 10.46 15.80
CA GLU J 4 -33.35 11.82 15.55
C GLU J 4 -34.44 12.86 15.45
N THR J 5 -34.09 14.11 15.79
CA THR J 5 -34.96 15.29 15.73
C THR J 5 -34.12 16.48 15.35
N ASN J 6 -34.60 17.27 14.38
CA ASN J 6 -33.91 18.47 13.95
C ASN J 6 -34.42 19.63 14.81
N LEU J 7 -33.51 20.22 15.60
CA LEU J 7 -33.83 21.33 16.49
C LEU J 7 -32.89 22.47 16.21
N ASP K 3 1.41 -21.95 16.32
CA ASP K 3 1.68 -22.57 17.64
C ASP K 3 0.42 -22.56 18.55
N GLU K 4 0.07 -23.73 19.17
CA GLU K 4 -1.07 -23.88 20.08
C GLU K 4 -0.64 -24.39 21.45
N THR K 5 -1.47 -24.13 22.48
CA THR K 5 -1.34 -24.61 23.86
C THR K 5 -2.74 -24.74 24.50
N ASN K 6 -2.97 -25.86 25.18
CA ASN K 6 -4.22 -26.10 25.88
C ASN K 6 -4.04 -25.57 27.30
N LEU K 7 -4.89 -24.59 27.69
CA LEU K 7 -4.81 -23.97 29.00
C LEU K 7 -6.09 -24.07 29.78
N ASP L 3 1.21 19.38 18.50
CA ASP L 3 1.46 20.11 17.27
C ASP L 3 0.36 19.88 16.21
N GLU L 4 -0.14 20.98 15.60
CA GLU L 4 -1.20 21.00 14.59
C GLU L 4 -0.74 21.58 13.25
N THR L 5 -1.45 21.22 12.16
CA THR L 5 -1.18 21.68 10.79
C THR L 5 -2.49 21.77 10.02
N ASN L 6 -2.66 22.86 9.27
CA ASN L 6 -3.83 23.05 8.43
C ASN L 6 -3.49 22.50 7.04
N LEU L 7 -4.25 21.49 6.62
CA LEU L 7 -4.05 20.82 5.34
C LEU L 7 -5.33 20.83 4.56
N ASP M 3 -3.61 -14.73 -15.35
CA ASP M 3 -4.84 -14.26 -14.69
C ASP M 3 -5.31 -12.85 -15.12
N GLU M 4 -6.64 -12.72 -15.43
CA GLU M 4 -7.33 -11.48 -15.91
C GLU M 4 -8.51 -11.14 -15.03
N THR M 5 -8.98 -9.88 -15.11
CA THR M 5 -10.17 -9.36 -14.41
C THR M 5 -10.83 -8.26 -15.25
N ASN M 6 -12.15 -8.32 -15.40
CA ASN M 6 -12.82 -7.32 -16.22
C ASN M 6 -13.30 -6.21 -15.33
N LEU M 7 -12.77 -5.00 -15.54
CA LEU M 7 -13.10 -3.83 -14.75
C LEU M 7 -13.49 -2.71 -15.67
N ASP N 3 26.68 9.99 -1.90
CA ASP N 3 28.02 9.39 -1.95
C ASP N 3 28.56 9.18 -3.37
N GLU N 4 29.81 9.64 -3.62
CA GLU N 4 30.50 9.55 -4.92
C GLU N 4 31.83 8.78 -4.79
N THR N 5 32.29 8.18 -5.91
CA THR N 5 33.53 7.41 -6.00
C THR N 5 34.16 7.62 -7.36
N ASN N 6 35.49 7.79 -7.37
CA ASN N 6 36.24 7.97 -8.60
C ASN N 6 36.71 6.61 -9.07
N LEU N 7 36.22 6.21 -10.23
CA LEU N 7 36.54 4.92 -10.85
C LEU N 7 37.03 5.18 -12.27
N ASP O 3 6.65 10.30 -39.96
CA ASP O 3 5.56 10.57 -40.90
C ASP O 3 4.44 9.50 -40.83
N GLU O 4 3.17 9.95 -40.86
CA GLU O 4 1.96 9.11 -40.77
C GLU O 4 1.03 9.31 -41.97
N THR O 5 0.19 8.30 -42.26
CA THR O 5 -0.83 8.31 -43.30
C THR O 5 -1.98 7.43 -42.87
N ASN O 6 -3.21 7.92 -43.05
CA ASN O 6 -4.40 7.15 -42.73
C ASN O 6 -4.80 6.38 -43.98
N LEU O 7 -4.79 5.04 -43.90
CA LEU O 7 -5.12 4.21 -45.03
C LEU O 7 -6.29 3.28 -44.71
N ASP P 3 32.13 -21.78 -44.65
CA ASP P 3 33.40 -21.74 -43.91
C ASP P 3 33.21 -21.68 -42.36
N GLU P 4 34.01 -22.47 -41.60
CA GLU P 4 33.94 -22.61 -40.13
C GLU P 4 35.25 -22.26 -39.45
N THR P 5 35.19 -21.89 -38.15
CA THR P 5 36.36 -21.55 -37.33
C THR P 5 36.12 -21.94 -35.88
N ASN P 6 37.12 -22.60 -35.26
CA ASN P 6 37.07 -22.95 -33.85
C ASN P 6 37.67 -21.78 -33.05
N LEU P 7 36.87 -21.20 -32.18
CA LEU P 7 37.28 -20.06 -31.37
C LEU P 7 37.12 -20.36 -29.89
#